data_2J7E
#
_entry.id   2J7E
#
_cell.length_a   94.166
_cell.length_b   94.175
_cell.length_c   113.255
_cell.angle_alpha   90.00
_cell.angle_beta   90.00
_cell.angle_gamma   90.00
#
_symmetry.space_group_name_H-M   'P 21 21 21'
#
loop_
_entity.id
_entity.type
_entity.pdbx_description
1 polymer 'BETA-GLUCOSIDASE A'
2 non-polymer 'METHYL ACETATE-SUBSTITUTED GLUCOIMIDAZOLE'
3 non-polymer 'ACETATE ION'
4 non-polymer 'CALCIUM ION'
5 water water
#
_entity_poly.entity_id   1
_entity_poly.type   'polypeptide(L)'
_entity_poly.pdbx_seq_one_letter_code
;MGSSHHHHHHSSGLVPRGSHMASNVKKFPEGFLWGVATASYQIEGSPLADGAGMSIWHTFSHTPGNVKNGDTGDVACDHY
NRWKEDIEIIEKLGVKAYRFSISWPRILPEGTGRVNQKGLDFYNRIIDTLLEKGITPFVTIYHWDLPFALQLKGGWANRE
IADWFAEYSRVLFENFGDRVKNWITLNEPWVVAIVGHLYGVHAPGMRDIYVAFRAVHNLLRAHARAVKVFRETVKDGKIG
IVFNNGYFEPASEKEEDIRAVRFMHQFNNYPLFLNPIYRGDYPELVLEFAREYLPENYKDDMSEIQEKIDFVGLNYYSGH
LVKFDPDAPAKVSFVERDLPKTAMGWEIVPEGIYWILKKVKEEYNPPEVYITENGAAFDDVVSEDGRVHDQNRIDYLKAH
IGQAWKAIQEGVPLKGYFVWSLLDNFEWAEGYSKRFGIVYVDYSTQKRIVKDSGYWYSNVVKNNGLED
;
_entity_poly.pdbx_strand_id   A,B
#
loop_
_chem_comp.id
_chem_comp.type
_chem_comp.name
_chem_comp.formula
ACT non-polymer 'ACETATE ION' 'C2 H3 O2 -1'
CA non-polymer 'CALCIUM ION' 'Ca 2'
GI2 non-polymer 'METHYL ACETATE-SUBSTITUTED GLUCOIMIDAZOLE' 'C11 H17 N2 O6 1'
#
# COMPACT_ATOMS: atom_id res chain seq x y z
N VAL A 25 38.71 -11.13 11.37
CA VAL A 25 38.33 -11.54 9.98
C VAL A 25 37.47 -12.83 9.97
N LYS A 26 36.60 -12.95 8.96
CA LYS A 26 35.84 -14.18 8.74
C LYS A 26 36.14 -14.74 7.36
N LYS A 27 37.16 -15.58 7.26
CA LYS A 27 37.50 -16.23 5.99
C LYS A 27 36.73 -17.53 5.76
N PHE A 28 36.35 -17.77 4.51
CA PHE A 28 35.63 -18.98 4.11
C PHE A 28 36.63 -20.07 3.66
N PRO A 29 36.20 -21.36 3.57
CA PRO A 29 37.12 -22.41 3.12
C PRO A 29 37.78 -22.09 1.79
N GLU A 30 38.95 -22.70 1.54
CA GLU A 30 39.55 -22.58 0.19
C GLU A 30 38.63 -23.25 -0.86
N GLY A 31 38.45 -22.57 -1.98
CA GLY A 31 37.58 -23.04 -3.05
C GLY A 31 36.08 -22.80 -2.88
N PHE A 32 35.69 -22.08 -1.82
CA PHE A 32 34.31 -21.64 -1.60
C PHE A 32 33.81 -20.83 -2.82
N LEU A 33 32.59 -21.13 -3.27
CA LEU A 33 32.10 -20.56 -4.53
C LEU A 33 31.24 -19.33 -4.27
N TRP A 34 31.83 -18.15 -4.47
CA TRP A 34 31.06 -16.91 -4.44
C TRP A 34 30.34 -16.68 -5.78
N GLY A 35 29.02 -16.55 -5.72
CA GLY A 35 28.26 -16.39 -6.95
C GLY A 35 27.26 -15.26 -6.97
N VAL A 36 26.72 -15.01 -8.15
CA VAL A 36 25.52 -14.22 -8.31
C VAL A 36 24.52 -15.08 -9.10
N ALA A 37 23.23 -14.77 -8.95
CA ALA A 37 22.14 -15.57 -9.51
C ALA A 37 21.12 -14.73 -10.28
N THR A 38 20.65 -15.27 -11.41
CA THR A 38 19.57 -14.67 -12.19
C THR A 38 18.57 -15.77 -12.62
N ALA A 39 17.53 -15.40 -13.38
CA ALA A 39 16.59 -16.35 -14.01
C ALA A 39 16.21 -15.81 -15.36
N SER A 40 16.01 -16.72 -16.32
CA SER A 40 15.80 -16.39 -17.72
C SER A 40 14.71 -15.34 -17.97
N TYR A 41 13.51 -15.58 -17.45
CA TYR A 41 12.39 -14.69 -17.76
C TYR A 41 12.54 -13.33 -17.09
N GLN A 42 13.24 -13.29 -15.97
CA GLN A 42 13.47 -12.05 -15.26
C GLN A 42 14.45 -11.08 -15.94
N ILE A 43 15.42 -11.60 -16.71
CA ILE A 43 16.47 -10.74 -17.29
C ILE A 43 16.51 -10.62 -18.83
N GLU A 44 16.06 -11.68 -19.51
CA GLU A 44 16.34 -11.85 -20.93
C GLU A 44 15.61 -10.86 -21.87
N GLY A 45 14.30 -10.69 -21.68
CA GLY A 45 13.48 -10.10 -22.74
C GLY A 45 13.52 -10.99 -23.98
N SER A 46 13.03 -10.47 -25.10
CA SER A 46 12.94 -11.19 -26.36
C SER A 46 12.35 -12.60 -26.17
N PRO A 47 11.18 -12.73 -25.49
CA PRO A 47 10.71 -14.09 -25.17
C PRO A 47 10.32 -14.87 -26.41
N LEU A 48 10.08 -14.19 -27.53
CA LEU A 48 9.63 -14.86 -28.73
C LEU A 48 10.66 -14.85 -29.87
N ALA A 49 11.88 -14.41 -29.56
CA ALA A 49 12.95 -14.38 -30.56
C ALA A 49 13.45 -15.76 -30.94
N ASP A 50 13.89 -15.87 -32.20
CA ASP A 50 14.57 -17.07 -32.73
C ASP A 50 13.76 -18.36 -32.52
N GLY A 51 12.49 -18.32 -32.84
CA GLY A 51 11.63 -19.51 -32.72
C GLY A 51 11.25 -20.02 -31.32
N ALA A 52 11.56 -19.27 -30.27
CA ALA A 52 11.12 -19.64 -28.91
C ALA A 52 9.60 -19.83 -28.85
N GLY A 53 9.12 -20.82 -28.09
CA GLY A 53 7.69 -20.94 -27.80
C GLY A 53 7.29 -19.96 -26.70
N MET A 54 6.00 -19.60 -26.63
CA MET A 54 5.51 -18.86 -25.48
C MET A 54 5.69 -19.66 -24.17
N SER A 55 5.92 -18.95 -23.06
CA SER A 55 5.96 -19.58 -21.76
C SER A 55 4.72 -19.12 -21.01
N ILE A 56 4.40 -19.77 -19.90
CA ILE A 56 3.28 -19.37 -19.05
C ILE A 56 3.45 -17.98 -18.41
N TRP A 57 4.70 -17.49 -18.26
CA TRP A 57 4.92 -16.12 -17.78
C TRP A 57 4.70 -15.06 -18.84
N HIS A 58 4.90 -15.44 -20.09
CA HIS A 58 4.51 -14.61 -21.23
C HIS A 58 2.98 -14.40 -21.22
N THR A 59 2.23 -15.50 -21.14
CA THR A 59 0.78 -15.41 -21.22
C THR A 59 0.17 -14.81 -19.96
N PHE A 60 0.75 -15.10 -18.80
CA PHE A 60 0.31 -14.55 -17.51
C PHE A 60 0.57 -13.04 -17.39
N SER A 61 1.78 -12.60 -17.75
CA SER A 61 2.10 -11.18 -17.67
C SER A 61 1.35 -10.36 -18.75
N HIS A 62 0.99 -10.99 -19.85
CA HIS A 62 0.16 -10.31 -20.88
C HIS A 62 -1.34 -10.33 -20.61
N THR A 63 -1.72 -10.90 -19.48
CA THR A 63 -3.10 -10.93 -19.07
C THR A 63 -3.28 -9.80 -18.07
N PRO A 64 -4.17 -8.81 -18.38
CA PRO A 64 -4.35 -7.64 -17.51
C PRO A 64 -4.72 -8.00 -16.08
N GLY A 65 -4.11 -7.28 -15.14
CA GLY A 65 -4.39 -7.44 -13.74
C GLY A 65 -3.46 -8.38 -13.00
N ASN A 66 -2.60 -9.09 -13.73
CA ASN A 66 -1.80 -10.15 -13.08
C ASN A 66 -0.48 -9.62 -12.49
N VAL A 67 0.07 -8.59 -13.13
CA VAL A 67 1.36 -8.01 -12.76
C VAL A 67 1.27 -6.49 -12.58
N LYS A 68 1.88 -6.01 -11.51
CA LYS A 68 1.95 -4.58 -11.22
C LYS A 68 2.35 -3.74 -12.44
N ASN A 69 1.55 -2.68 -12.70
CA ASN A 69 1.75 -1.72 -13.77
C ASN A 69 1.64 -2.29 -15.17
N GLY A 70 1.05 -3.47 -15.30
CA GLY A 70 1.05 -4.14 -16.60
C GLY A 70 2.45 -4.56 -17.11
N ASP A 71 3.41 -4.69 -16.19
CA ASP A 71 4.79 -5.02 -16.58
C ASP A 71 4.87 -6.45 -17.17
N THR A 72 5.74 -6.65 -18.16
CA THR A 72 6.00 -7.99 -18.68
C THR A 72 7.51 -8.26 -18.81
N GLY A 73 7.86 -9.50 -19.13
CA GLY A 73 9.23 -9.81 -19.52
C GLY A 73 9.62 -9.57 -20.99
N ASP A 74 8.82 -8.81 -21.73
CA ASP A 74 9.14 -8.59 -23.15
C ASP A 74 10.54 -8.05 -23.40
N VAL A 75 10.94 -7.08 -22.56
CA VAL A 75 12.26 -6.46 -22.70
C VAL A 75 13.16 -6.81 -21.51
N ALA A 76 12.63 -6.63 -20.30
CA ALA A 76 13.38 -6.83 -19.05
C ALA A 76 14.74 -6.10 -19.09
N CYS A 77 15.83 -6.81 -18.79
CA CYS A 77 17.21 -6.28 -18.87
C CYS A 77 17.85 -6.40 -20.27
N ASP A 78 17.05 -6.77 -21.27
CA ASP A 78 17.55 -7.12 -22.61
C ASP A 78 18.86 -7.97 -22.58
N HIS A 79 18.95 -8.91 -21.65
CA HIS A 79 20.11 -9.79 -21.51
C HIS A 79 20.26 -10.71 -22.72
N TYR A 80 19.17 -10.89 -23.44
CA TYR A 80 19.18 -11.72 -24.63
C TYR A 80 20.16 -11.16 -25.66
N ASN A 81 20.30 -9.82 -25.67
CA ASN A 81 21.30 -9.13 -26.50
C ASN A 81 22.56 -8.68 -25.74
N ARG A 82 22.43 -8.47 -24.44
CA ARG A 82 23.50 -7.84 -23.65
C ARG A 82 24.28 -8.81 -22.75
N TRP A 83 24.06 -10.10 -22.99
CA TRP A 83 24.62 -11.18 -22.19
C TRP A 83 26.15 -11.08 -22.00
N LYS A 84 26.89 -10.71 -23.04
CA LYS A 84 28.37 -10.64 -22.97
C LYS A 84 28.81 -9.53 -22.01
N GLU A 85 28.23 -8.34 -22.19
CA GLU A 85 28.40 -7.22 -21.26
C GLU A 85 28.16 -7.63 -19.81
N ASP A 86 27.03 -8.28 -19.54
CA ASP A 86 26.68 -8.71 -18.17
C ASP A 86 27.69 -9.69 -17.57
N ILE A 87 28.13 -10.65 -18.39
CA ILE A 87 29.17 -11.60 -18.01
C ILE A 87 30.53 -10.90 -17.76
N GLU A 88 30.95 -10.01 -18.68
CA GLU A 88 32.09 -9.12 -18.44
C GLU A 88 31.98 -8.38 -17.10
N ILE A 89 30.76 -7.99 -16.69
CA ILE A 89 30.54 -7.41 -15.34
C ILE A 89 30.81 -8.41 -14.22
N ILE A 90 30.39 -9.67 -14.40
CA ILE A 90 30.63 -10.74 -13.41
C ILE A 90 32.14 -10.93 -13.25
N GLU A 91 32.80 -11.13 -14.40
CA GLU A 91 34.26 -11.21 -14.51
C GLU A 91 34.98 -10.05 -13.79
N LYS A 92 34.68 -8.81 -14.18
CA LYS A 92 35.35 -7.67 -13.60
CA LYS A 92 35.28 -7.61 -13.61
C LYS A 92 35.13 -7.55 -12.09
N LEU A 93 34.01 -8.06 -11.59
CA LEU A 93 33.76 -8.11 -10.14
C LEU A 93 34.50 -9.26 -9.46
N GLY A 94 35.08 -10.15 -10.26
CA GLY A 94 35.84 -11.32 -9.74
C GLY A 94 34.96 -12.40 -9.11
N VAL A 95 33.66 -12.34 -9.40
CA VAL A 95 32.70 -13.33 -8.91
C VAL A 95 32.95 -14.66 -9.61
N LYS A 96 32.94 -15.72 -8.81
CA LYS A 96 33.48 -17.01 -9.24
C LYS A 96 32.47 -18.01 -9.84
N ALA A 97 31.19 -17.81 -9.55
CA ALA A 97 30.15 -18.70 -10.07
C ALA A 97 28.98 -17.86 -10.53
N TYR A 98 28.34 -18.29 -11.62
CA TYR A 98 27.13 -17.64 -12.13
C TYR A 98 26.03 -18.67 -12.17
N ARG A 99 24.97 -18.39 -11.41
CA ARG A 99 23.78 -19.20 -11.44
C ARG A 99 22.77 -18.52 -12.35
N PHE A 100 22.36 -19.23 -13.39
CA PHE A 100 21.38 -18.75 -14.32
C PHE A 100 20.46 -19.87 -14.76
N SER A 101 19.30 -19.53 -15.29
CA SER A 101 18.37 -20.55 -15.71
C SER A 101 18.20 -20.60 -17.21
N ILE A 102 17.72 -21.74 -17.68
CA ILE A 102 17.41 -21.94 -19.08
C ILE A 102 15.90 -21.87 -19.30
N SER A 103 15.49 -21.12 -20.32
CA SER A 103 14.09 -21.05 -20.74
C SER A 103 13.67 -22.32 -21.49
N TRP A 104 12.90 -23.20 -20.83
CA TRP A 104 12.41 -24.43 -21.47
C TRP A 104 11.85 -24.19 -22.90
N PRO A 105 10.93 -23.23 -23.08
CA PRO A 105 10.39 -23.00 -24.44
C PRO A 105 11.37 -22.39 -25.49
N ARG A 106 12.54 -21.87 -25.10
CA ARG A 106 13.58 -21.55 -26.12
C ARG A 106 14.19 -22.83 -26.68
N ILE A 107 14.25 -23.86 -25.84
CA ILE A 107 14.90 -25.11 -26.19
C ILE A 107 13.93 -26.02 -26.89
N LEU A 108 12.74 -26.20 -26.30
CA LEU A 108 11.72 -27.03 -26.90
C LEU A 108 10.45 -26.18 -27.00
N PRO A 109 10.25 -25.50 -28.13
CA PRO A 109 9.15 -24.55 -28.30
C PRO A 109 7.75 -25.08 -27.93
N GLU A 110 7.47 -26.35 -28.23
CA GLU A 110 6.23 -27.02 -27.76
C GLU A 110 6.41 -27.82 -26.48
N GLY A 111 7.53 -27.65 -25.80
CA GLY A 111 7.78 -28.36 -24.53
C GLY A 111 8.40 -29.75 -24.68
N THR A 112 7.89 -30.53 -25.63
CA THR A 112 8.47 -31.82 -26.04
C THR A 112 8.60 -31.88 -27.55
N GLY A 113 9.33 -32.88 -28.04
CA GLY A 113 9.53 -33.04 -29.48
C GLY A 113 10.63 -32.14 -30.03
N ARG A 114 10.25 -31.19 -30.87
CA ARG A 114 11.23 -30.38 -31.58
C ARG A 114 12.23 -29.65 -30.67
N VAL A 115 13.51 -29.69 -31.04
CA VAL A 115 14.56 -28.91 -30.39
C VAL A 115 14.96 -27.72 -31.28
N ASN A 116 14.98 -26.54 -30.67
CA ASN A 116 15.31 -25.30 -31.33
C ASN A 116 16.81 -24.99 -31.20
N GLN A 117 17.58 -25.16 -32.28
CA GLN A 117 19.04 -24.99 -32.21
C GLN A 117 19.49 -23.57 -31.85
N LYS A 118 18.69 -22.57 -32.21
CA LYS A 118 18.98 -21.18 -31.82
C LYS A 118 18.86 -20.91 -30.30
N GLY A 119 17.93 -21.63 -29.65
CA GLY A 119 17.81 -21.60 -28.22
C GLY A 119 19.05 -22.17 -27.57
N LEU A 120 19.44 -23.36 -28.01
CA LEU A 120 20.70 -24.00 -27.58
C LEU A 120 21.92 -23.09 -27.80
N ASP A 121 21.99 -22.46 -28.99
CA ASP A 121 23.08 -21.56 -29.35
C ASP A 121 23.25 -20.43 -28.31
N PHE A 122 22.14 -19.75 -28.02
CA PHE A 122 22.10 -18.69 -26.99
C PHE A 122 22.80 -19.07 -25.67
N TYR A 123 22.47 -20.22 -25.11
CA TYR A 123 23.06 -20.71 -23.86
C TYR A 123 24.48 -21.29 -24.03
N ASN A 124 24.73 -21.92 -25.17
CA ASN A 124 26.11 -22.32 -25.53
C ASN A 124 27.12 -21.15 -25.49
N ARG A 125 26.77 -20.01 -26.08
CA ARG A 125 27.61 -18.79 -26.03
C ARG A 125 27.82 -18.29 -24.60
N ILE A 126 26.77 -18.28 -23.79
CA ILE A 126 26.89 -17.89 -22.39
C ILE A 126 27.81 -18.87 -21.62
N ILE A 127 27.58 -20.16 -21.81
CA ILE A 127 28.38 -21.20 -21.15
C ILE A 127 29.87 -21.14 -21.52
N ASP A 128 30.16 -21.07 -22.82
CA ASP A 128 31.54 -21.02 -23.30
C ASP A 128 32.29 -19.79 -22.79
N THR A 129 31.58 -18.67 -22.74
CA THR A 129 32.12 -17.39 -22.32
C THR A 129 32.52 -17.41 -20.87
N LEU A 130 31.62 -17.93 -20.02
CA LEU A 130 31.87 -18.11 -18.59
C LEU A 130 33.14 -18.95 -18.37
N LEU A 131 33.19 -20.10 -19.05
CA LEU A 131 34.30 -21.05 -18.95
C LEU A 131 35.62 -20.39 -19.35
N GLU A 132 35.63 -19.74 -20.51
CA GLU A 132 36.77 -18.92 -20.96
C GLU A 132 37.25 -17.94 -19.90
N LYS A 133 36.32 -17.32 -19.17
CA LYS A 133 36.65 -16.33 -18.14
C LYS A 133 36.85 -16.91 -16.74
N GLY A 134 36.88 -18.23 -16.62
CA GLY A 134 37.06 -18.86 -15.31
C GLY A 134 35.90 -18.77 -14.32
N ILE A 135 34.68 -18.52 -14.83
CA ILE A 135 33.46 -18.49 -14.02
C ILE A 135 32.72 -19.84 -14.11
N THR A 136 32.31 -20.38 -12.96
CA THR A 136 31.66 -21.68 -12.90
C THR A 136 30.13 -21.58 -13.13
N PRO A 137 29.62 -22.23 -14.21
CA PRO A 137 28.17 -22.18 -14.47
C PRO A 137 27.38 -23.08 -13.52
N PHE A 138 26.35 -22.52 -12.89
CA PHE A 138 25.33 -23.29 -12.19
C PHE A 138 24.03 -23.09 -12.93
N VAL A 139 23.55 -24.15 -13.59
CA VAL A 139 22.37 -24.05 -14.43
C VAL A 139 21.09 -24.50 -13.68
N THR A 140 20.12 -23.59 -13.58
CA THR A 140 18.80 -23.96 -13.09
C THR A 140 18.00 -24.39 -14.27
N ILE A 141 17.53 -25.62 -14.26
CA ILE A 141 16.81 -26.16 -15.44
C ILE A 141 15.39 -25.51 -15.59
N TYR A 142 14.74 -25.36 -14.46
CA TYR A 142 13.41 -24.79 -14.41
C TYR A 142 13.32 -23.72 -13.36
N HIS A 143 13.25 -22.49 -13.84
CA HIS A 143 12.98 -21.37 -12.94
C HIS A 143 11.69 -20.72 -13.42
N TRP A 144 10.62 -21.53 -13.55
CA TRP A 144 9.20 -21.05 -13.54
C TRP A 144 8.60 -20.69 -14.91
N ASP A 145 9.43 -20.60 -15.95
CA ASP A 145 8.91 -20.28 -17.30
C ASP A 145 8.58 -21.52 -18.15
N LEU A 146 7.56 -22.26 -17.70
CA LEU A 146 7.07 -23.45 -18.38
C LEU A 146 6.56 -23.14 -19.79
N PRO A 147 6.83 -24.01 -20.76
CA PRO A 147 6.25 -23.77 -22.08
C PRO A 147 4.72 -23.72 -21.97
N PHE A 148 4.14 -22.69 -22.56
CA PHE A 148 2.70 -22.56 -22.64
C PHE A 148 2.03 -23.83 -23.23
N ALA A 149 2.64 -24.41 -24.27
CA ALA A 149 2.12 -25.61 -24.92
C ALA A 149 1.84 -26.72 -23.91
N LEU A 150 2.68 -26.84 -22.89
CA LEU A 150 2.47 -27.86 -21.88
C LEU A 150 1.44 -27.47 -20.82
N GLN A 151 1.30 -26.17 -20.55
CA GLN A 151 0.24 -25.71 -19.66
C GLN A 151 -1.11 -26.08 -20.23
N LEU A 152 -1.28 -25.97 -21.55
CA LEU A 152 -2.49 -26.44 -22.23
C LEU A 152 -2.85 -27.90 -21.96
N LYS A 153 -1.82 -28.71 -21.69
CA LYS A 153 -1.97 -30.13 -21.35
CA LYS A 153 -1.96 -30.14 -21.34
C LYS A 153 -1.94 -30.36 -19.83
N GLY A 154 -2.14 -29.29 -19.08
CA GLY A 154 -2.25 -29.36 -17.63
C GLY A 154 -1.03 -28.88 -16.86
N GLY A 155 0.12 -28.74 -17.51
CA GLY A 155 1.36 -28.31 -16.82
C GLY A 155 1.73 -29.24 -15.68
N TRP A 156 2.07 -28.65 -14.54
CA TRP A 156 2.47 -29.39 -13.33
C TRP A 156 1.37 -30.27 -12.73
N ALA A 157 0.12 -29.99 -13.08
CA ALA A 157 -1.04 -30.82 -12.67
C ALA A 157 -1.07 -32.21 -13.34
N ASN A 158 -0.40 -32.35 -14.49
CA ASN A 158 -0.38 -33.57 -15.30
C ASN A 158 0.82 -34.50 -14.99
N ARG A 159 0.56 -35.74 -14.57
CA ARG A 159 1.60 -36.73 -14.25
C ARG A 159 2.61 -36.90 -15.35
N GLU A 160 2.18 -36.75 -16.60
CA GLU A 160 3.05 -36.81 -17.75
C GLU A 160 4.17 -35.76 -17.75
N ILE A 161 4.04 -34.71 -16.95
CA ILE A 161 5.15 -33.75 -16.81
C ILE A 161 6.50 -34.40 -16.38
N ALA A 162 6.43 -35.54 -15.69
CA ALA A 162 7.65 -36.29 -15.26
C ALA A 162 8.45 -36.74 -16.47
N ASP A 163 7.73 -37.17 -17.51
CA ASP A 163 8.31 -37.50 -18.82
C ASP A 163 8.72 -36.29 -19.62
N TRP A 164 7.90 -35.24 -19.64
CA TRP A 164 8.23 -34.02 -20.39
C TRP A 164 9.49 -33.39 -19.82
N PHE A 165 9.54 -33.28 -18.49
CA PHE A 165 10.68 -32.71 -17.78
C PHE A 165 11.92 -33.54 -18.01
N ALA A 166 11.78 -34.86 -18.00
CA ALA A 166 12.92 -35.77 -18.19
C ALA A 166 13.52 -35.65 -19.60
N GLU A 167 12.65 -35.57 -20.60
CA GLU A 167 13.08 -35.34 -21.98
C GLU A 167 13.77 -33.94 -22.21
N TYR A 168 13.20 -32.89 -21.62
CA TYR A 168 13.86 -31.57 -21.59
C TYR A 168 15.25 -31.65 -20.93
N SER A 169 15.29 -32.18 -19.71
CA SER A 169 16.56 -32.35 -19.00
C SER A 169 17.58 -33.16 -19.82
N ARG A 170 17.19 -34.31 -20.37
CA ARG A 170 18.06 -35.11 -21.26
CA ARG A 170 18.02 -35.12 -21.28
C ARG A 170 18.67 -34.26 -22.38
N VAL A 171 17.87 -33.37 -23.00
CA VAL A 171 18.38 -32.48 -24.04
C VAL A 171 19.50 -31.58 -23.48
N LEU A 172 19.23 -30.95 -22.33
CA LEU A 172 20.21 -30.08 -21.69
C LEU A 172 21.51 -30.83 -21.35
N PHE A 173 21.38 -32.02 -20.78
CA PHE A 173 22.52 -32.83 -20.38
C PHE A 173 23.40 -33.17 -21.61
N GLU A 174 22.73 -33.58 -22.71
CA GLU A 174 23.42 -34.02 -23.93
CA GLU A 174 23.46 -34.02 -23.90
C GLU A 174 24.17 -32.88 -24.60
N ASN A 175 23.55 -31.70 -24.57
CA ASN A 175 24.12 -30.54 -25.22
C ASN A 175 25.13 -29.77 -24.40
N PHE A 176 24.93 -29.69 -23.09
CA PHE A 176 25.74 -28.81 -22.27
C PHE A 176 26.56 -29.53 -21.21
N GLY A 177 26.25 -30.80 -20.97
CA GLY A 177 26.83 -31.60 -19.86
C GLY A 177 28.32 -31.87 -19.99
N ASP A 178 28.88 -31.62 -21.16
CA ASP A 178 30.30 -31.69 -21.39
C ASP A 178 31.00 -30.54 -20.68
N ARG A 179 30.30 -29.41 -20.54
CA ARG A 179 30.86 -28.20 -19.97
C ARG A 179 30.25 -27.80 -18.64
N VAL A 180 28.93 -27.89 -18.51
CA VAL A 180 28.27 -27.55 -17.23
C VAL A 180 28.27 -28.80 -16.35
N LYS A 181 28.70 -28.64 -15.11
CA LYS A 181 28.88 -29.80 -14.22
C LYS A 181 28.11 -29.61 -12.91
N ASN A 182 27.43 -28.47 -12.80
CA ASN A 182 26.62 -28.16 -11.64
C ASN A 182 25.20 -27.78 -12.10
N TRP A 183 24.22 -28.58 -11.70
CA TRP A 183 22.85 -28.50 -12.25
C TRP A 183 21.86 -28.47 -11.12
N ILE A 184 20.78 -27.71 -11.33
CA ILE A 184 19.69 -27.59 -10.38
C ILE A 184 18.41 -27.94 -11.14
N THR A 185 17.70 -29.00 -10.73
CA THR A 185 16.46 -29.41 -11.42
C THR A 185 15.40 -28.30 -11.34
N LEU A 186 15.01 -27.95 -10.11
CA LEU A 186 13.92 -27.02 -9.87
C LEU A 186 14.31 -25.89 -8.92
N ASN A 187 13.89 -24.66 -9.28
CA ASN A 187 13.89 -23.54 -8.34
C ASN A 187 12.58 -23.51 -7.60
N GLU A 188 12.65 -23.69 -6.29
CA GLU A 188 11.52 -23.42 -5.38
C GLU A 188 10.21 -24.08 -5.81
N PRO A 189 10.17 -25.43 -5.84
CA PRO A 189 8.92 -26.07 -6.25
C PRO A 189 7.69 -25.71 -5.35
N TRP A 190 7.92 -25.29 -4.10
CA TRP A 190 6.85 -24.80 -3.25
C TRP A 190 6.14 -23.61 -3.87
N VAL A 191 6.91 -22.64 -4.35
CA VAL A 191 6.36 -21.44 -4.98
C VAL A 191 5.61 -21.81 -6.30
N VAL A 192 6.23 -22.65 -7.11
CA VAL A 192 5.66 -23.12 -8.37
C VAL A 192 4.27 -23.68 -8.13
N ALA A 193 4.15 -24.59 -7.19
CA ALA A 193 2.91 -25.29 -6.89
C ALA A 193 1.94 -24.37 -6.13
N ILE A 194 2.37 -23.83 -5.00
CA ILE A 194 1.44 -23.12 -4.12
C ILE A 194 1.12 -21.72 -4.60
N VAL A 195 2.15 -20.92 -4.89
CA VAL A 195 1.92 -19.55 -5.39
C VAL A 195 1.32 -19.53 -6.80
N GLY A 196 1.64 -20.53 -7.61
CA GLY A 196 1.15 -20.64 -8.98
C GLY A 196 -0.24 -21.26 -9.08
N HIS A 197 -0.57 -22.20 -8.19
CA HIS A 197 -1.80 -23.00 -8.36
C HIS A 197 -2.81 -23.00 -7.18
N LEU A 198 -2.43 -22.39 -6.05
CA LEU A 198 -3.33 -22.15 -4.93
C LEU A 198 -3.59 -20.66 -4.76
N TYR A 199 -2.53 -19.85 -4.71
CA TYR A 199 -2.69 -18.42 -4.43
C TYR A 199 -3.05 -17.72 -5.74
N GLY A 200 -2.57 -18.29 -6.85
CA GLY A 200 -2.88 -17.75 -8.16
C GLY A 200 -2.15 -16.47 -8.48
N VAL A 201 -1.11 -16.17 -7.71
CA VAL A 201 -0.38 -14.93 -7.80
C VAL A 201 0.73 -15.03 -8.87
N HIS A 202 1.12 -16.26 -9.19
CA HIS A 202 2.13 -16.53 -10.21
C HIS A 202 1.51 -17.39 -11.30
N ALA A 203 2.06 -17.33 -12.51
CA ALA A 203 1.72 -18.26 -13.55
C ALA A 203 1.67 -19.70 -13.00
N PRO A 204 0.67 -20.51 -13.43
CA PRO A 204 -0.38 -20.21 -14.43
C PRO A 204 -1.62 -19.50 -13.83
N GLY A 205 -1.53 -19.02 -12.60
CA GLY A 205 -2.58 -18.19 -12.03
C GLY A 205 -3.81 -18.90 -11.54
N MET A 206 -3.63 -20.11 -11.02
CA MET A 206 -4.74 -20.95 -10.60
C MET A 206 -5.00 -20.87 -9.08
N ARG A 207 -6.21 -21.24 -8.66
CA ARG A 207 -6.60 -21.28 -7.23
C ARG A 207 -7.36 -22.57 -6.96
N ASP A 208 -6.64 -23.66 -6.84
CA ASP A 208 -7.25 -24.95 -6.57
C ASP A 208 -6.26 -25.75 -5.73
N ILE A 209 -6.63 -26.00 -4.48
CA ILE A 209 -5.73 -26.68 -3.54
C ILE A 209 -5.38 -28.13 -3.94
N TYR A 210 -6.29 -28.82 -4.65
CA TYR A 210 -6.03 -30.17 -5.13
C TYR A 210 -5.05 -30.18 -6.33
N VAL A 211 -5.24 -29.22 -7.24
CA VAL A 211 -4.22 -28.98 -8.27
C VAL A 211 -2.86 -28.65 -7.62
N ALA A 212 -2.85 -27.72 -6.66
CA ALA A 212 -1.58 -27.29 -6.05
C ALA A 212 -0.77 -28.46 -5.51
N PHE A 213 -1.42 -29.39 -4.81
CA PHE A 213 -0.68 -30.52 -4.21
C PHE A 213 -0.36 -31.61 -5.17
N ARG A 214 -1.16 -31.75 -6.22
CA ARG A 214 -0.76 -32.60 -7.34
C ARG A 214 0.47 -32.02 -8.09
N ALA A 215 0.60 -30.68 -8.12
CA ALA A 215 1.80 -30.02 -8.66
C ALA A 215 3.03 -30.28 -7.76
N VAL A 216 2.86 -30.13 -6.46
CA VAL A 216 3.89 -30.50 -5.47
C VAL A 216 4.43 -31.90 -5.78
N HIS A 217 3.53 -32.87 -5.81
CA HIS A 217 3.88 -34.27 -6.04
C HIS A 217 4.55 -34.50 -7.38
N ASN A 218 3.98 -33.91 -8.42
CA ASN A 218 4.54 -34.03 -9.79
C ASN A 218 5.92 -33.36 -10.01
N LEU A 219 6.16 -32.25 -9.32
CA LEU A 219 7.47 -31.60 -9.27
C LEU A 219 8.58 -32.51 -8.71
N LEU A 220 8.27 -33.18 -7.60
CA LEU A 220 9.08 -34.29 -7.05
C LEU A 220 9.37 -35.40 -8.05
N ARG A 221 8.33 -35.90 -8.71
CA ARG A 221 8.52 -37.00 -9.67
C ARG A 221 9.30 -36.54 -10.90
N ALA A 222 9.07 -35.31 -11.34
CA ALA A 222 9.82 -34.79 -12.49
C ALA A 222 11.30 -34.57 -12.08
N HIS A 223 11.52 -33.98 -10.90
CA HIS A 223 12.89 -33.82 -10.39
C HIS A 223 13.64 -35.16 -10.34
N ALA A 224 13.00 -36.15 -9.72
CA ALA A 224 13.62 -37.48 -9.60
C ALA A 224 13.86 -38.12 -10.98
N ARG A 225 12.91 -38.00 -11.92
CA ARG A 225 13.18 -38.49 -13.31
C ARG A 225 14.39 -37.82 -14.00
N ALA A 226 14.57 -36.53 -13.78
CA ALA A 226 15.68 -35.78 -14.34
C ALA A 226 17.00 -36.16 -13.67
N VAL A 227 17.01 -36.33 -12.35
CA VAL A 227 18.23 -36.84 -11.70
C VAL A 227 18.67 -38.19 -12.31
N LYS A 228 17.70 -39.07 -12.51
CA LYS A 228 17.93 -40.43 -13.07
C LYS A 228 18.55 -40.34 -14.46
N VAL A 229 17.94 -39.58 -15.35
CA VAL A 229 18.53 -39.28 -16.67
C VAL A 229 19.97 -38.70 -16.58
N PHE A 230 20.21 -37.78 -15.64
CA PHE A 230 21.53 -37.20 -15.38
C PHE A 230 22.63 -38.24 -15.14
N ARG A 231 22.35 -39.26 -14.32
CA ARG A 231 23.26 -40.39 -14.04
C ARG A 231 23.58 -41.25 -15.24
N GLU A 232 22.62 -41.36 -16.17
CA GLU A 232 22.82 -42.05 -17.44
C GLU A 232 23.57 -41.20 -18.48
N THR A 233 23.52 -39.87 -18.35
CA THR A 233 24.01 -39.01 -19.43
CA THR A 233 23.97 -38.97 -19.41
C THR A 233 25.25 -38.20 -19.07
N VAL A 234 25.35 -37.72 -17.83
CA VAL A 234 26.47 -36.86 -17.43
C VAL A 234 27.19 -37.50 -16.25
N LYS A 235 28.07 -38.44 -16.58
CA LYS A 235 28.71 -39.25 -15.54
C LYS A 235 29.82 -38.56 -14.69
N ASP A 236 30.22 -37.33 -15.05
CA ASP A 236 31.15 -36.57 -14.19
C ASP A 236 30.66 -35.28 -13.50
N GLY A 237 29.36 -34.99 -13.49
CA GLY A 237 28.88 -33.75 -12.84
C GLY A 237 28.07 -33.92 -11.56
N LYS A 238 27.54 -32.82 -11.02
CA LYS A 238 26.64 -32.83 -9.85
C LYS A 238 25.27 -32.16 -10.07
N ILE A 239 24.23 -32.74 -9.46
CA ILE A 239 22.85 -32.29 -9.58
C ILE A 239 22.15 -32.14 -8.21
N GLY A 240 21.38 -31.05 -8.07
CA GLY A 240 20.62 -30.81 -6.87
C GLY A 240 19.32 -30.08 -7.16
N ILE A 241 18.78 -29.42 -6.15
CA ILE A 241 17.45 -28.84 -6.19
C ILE A 241 17.41 -27.71 -5.13
N VAL A 242 16.69 -26.64 -5.46
CA VAL A 242 16.62 -25.41 -4.66
C VAL A 242 15.27 -25.21 -3.96
N PHE A 243 15.31 -24.81 -2.69
CA PHE A 243 14.09 -24.54 -1.92
C PHE A 243 14.13 -23.17 -1.31
N ASN A 244 12.97 -22.50 -1.31
CA ASN A 244 12.73 -21.32 -0.51
C ASN A 244 12.58 -21.70 0.98
N ASN A 245 13.05 -20.80 1.84
CA ASN A 245 12.98 -21.02 3.30
C ASN A 245 12.75 -19.72 4.03
N GLY A 246 11.87 -19.74 5.02
CA GLY A 246 11.66 -18.59 5.93
C GLY A 246 12.12 -18.99 7.32
N TYR A 247 12.45 -18.02 8.16
CA TYR A 247 12.80 -18.36 9.54
C TYR A 247 11.56 -18.05 10.37
N PHE A 248 10.82 -19.09 10.68
CA PHE A 248 9.60 -18.89 11.45
C PHE A 248 9.89 -18.99 12.97
N GLU A 249 9.53 -17.93 13.69
CA GLU A 249 9.53 -17.90 15.15
C GLU A 249 8.09 -17.82 15.67
N PRO A 250 7.82 -18.41 16.86
CA PRO A 250 6.45 -18.41 17.41
C PRO A 250 6.16 -17.10 18.16
N ALA A 251 4.91 -16.64 18.11
CA ALA A 251 4.51 -15.37 18.69
C ALA A 251 4.46 -15.35 20.23
N SER A 252 4.51 -16.55 20.82
CA SER A 252 4.34 -16.79 22.25
C SER A 252 5.11 -18.06 22.62
N GLU A 253 4.59 -18.82 23.61
CA GLU A 253 5.17 -20.13 23.99
C GLU A 253 4.12 -21.11 24.53
N ILE A 258 3.19 -22.56 18.07
CA ILE A 258 4.54 -23.16 18.21
C ILE A 258 4.66 -24.47 17.40
N ARG A 259 3.60 -25.28 17.44
CA ARG A 259 3.37 -26.32 16.47
C ARG A 259 3.08 -25.67 15.12
N ALA A 260 2.57 -24.44 15.16
CA ALA A 260 2.32 -23.64 13.97
C ALA A 260 3.62 -23.32 13.27
N VAL A 261 4.69 -23.14 14.05
CA VAL A 261 6.05 -22.93 13.54
C VAL A 261 6.60 -24.21 12.92
N ARG A 262 6.27 -25.34 13.57
CA ARG A 262 6.63 -26.66 13.07
CA ARG A 262 6.65 -26.65 13.07
C ARG A 262 5.97 -26.88 11.72
N PHE A 263 4.68 -26.57 11.63
CA PHE A 263 3.96 -26.70 10.38
C PHE A 263 4.54 -25.80 9.25
N MET A 264 4.77 -24.54 9.55
CA MET A 264 5.31 -23.60 8.58
C MET A 264 6.64 -24.05 8.04
N HIS A 265 7.55 -24.47 8.92
CA HIS A 265 8.79 -25.06 8.50
C HIS A 265 8.57 -26.26 7.57
N GLN A 266 7.68 -27.17 7.94
CA GLN A 266 7.56 -28.44 7.22
C GLN A 266 6.89 -28.25 5.88
N PHE A 267 6.08 -27.19 5.80
CA PHE A 267 5.25 -26.90 4.63
C PHE A 267 5.94 -25.90 3.69
N ASN A 268 6.40 -24.77 4.25
CA ASN A 268 7.07 -23.69 3.50
C ASN A 268 8.56 -23.92 3.24
N ASN A 269 9.24 -24.68 4.11
CA ASN A 269 10.68 -24.86 3.92
C ASN A 269 11.05 -26.19 3.27
N TYR A 270 12.36 -26.47 3.14
CA TYR A 270 12.87 -27.70 2.48
C TYR A 270 12.24 -29.06 2.88
N PRO A 271 11.67 -29.23 4.13
CA PRO A 271 11.08 -30.57 4.44
C PRO A 271 9.95 -31.06 3.53
N LEU A 272 9.13 -30.17 2.99
CA LEU A 272 8.10 -30.60 2.05
C LEU A 272 8.63 -31.52 0.96
N PHE A 273 9.84 -31.22 0.50
CA PHE A 273 10.50 -31.95 -0.56
C PHE A 273 11.58 -32.91 -0.09
N LEU A 274 12.29 -32.56 1.00
CA LEU A 274 13.40 -33.37 1.50
C LEU A 274 13.00 -34.60 2.29
N ASN A 275 11.89 -34.52 3.00
CA ASN A 275 11.34 -35.71 3.64
C ASN A 275 11.00 -36.78 2.60
N PRO A 276 10.26 -36.42 1.52
CA PRO A 276 10.13 -37.40 0.42
C PRO A 276 11.47 -37.90 -0.14
N ILE A 277 12.39 -36.99 -0.43
CA ILE A 277 13.67 -37.34 -1.07
C ILE A 277 14.52 -38.26 -0.20
N TYR A 278 14.56 -37.97 1.10
CA TYR A 278 15.45 -38.66 2.03
C TYR A 278 14.78 -39.79 2.83
N ARG A 279 13.49 -39.62 3.14
CA ARG A 279 12.75 -40.54 4.03
C ARG A 279 11.55 -41.20 3.37
N GLY A 280 11.18 -40.74 2.17
CA GLY A 280 10.18 -41.42 1.36
C GLY A 280 8.73 -41.14 1.74
N ASP A 281 8.47 -40.00 2.37
CA ASP A 281 7.08 -39.58 2.62
C ASP A 281 7.09 -38.09 2.90
N TYR A 282 5.92 -37.46 2.86
CA TYR A 282 5.78 -36.03 3.16
C TYR A 282 5.96 -35.81 4.66
N PRO A 283 6.36 -34.59 5.10
CA PRO A 283 6.42 -34.41 6.56
C PRO A 283 5.05 -34.55 7.26
N GLU A 284 5.09 -35.04 8.49
CA GLU A 284 3.92 -35.34 9.33
C GLU A 284 2.83 -34.27 9.33
N LEU A 285 3.21 -33.01 9.59
CA LEU A 285 2.19 -31.94 9.66
C LEU A 285 1.66 -31.50 8.28
N VAL A 286 2.48 -31.70 7.24
CA VAL A 286 2.00 -31.59 5.85
C VAL A 286 0.90 -32.62 5.53
N LEU A 287 1.09 -33.86 5.98
CA LEU A 287 0.03 -34.87 5.83
C LEU A 287 -1.22 -34.53 6.66
N GLU A 288 -1.04 -34.10 7.90
CA GLU A 288 -2.21 -33.69 8.70
C GLU A 288 -3.08 -32.66 7.93
N PHE A 289 -2.44 -31.63 7.38
CA PHE A 289 -3.15 -30.57 6.63
C PHE A 289 -3.64 -30.99 5.24
N ALA A 290 -2.86 -31.76 4.50
CA ALA A 290 -3.06 -31.86 3.04
C ALA A 290 -3.26 -33.24 2.45
N ARG A 291 -3.36 -34.27 3.30
CA ARG A 291 -3.49 -35.65 2.82
C ARG A 291 -4.60 -35.83 1.77
N GLU A 292 -5.76 -35.24 2.01
CA GLU A 292 -6.91 -35.35 1.09
C GLU A 292 -6.65 -34.73 -0.28
N TYR A 293 -5.68 -33.82 -0.35
CA TYR A 293 -5.37 -33.10 -1.61
C TYR A 293 -4.33 -33.78 -2.46
N LEU A 294 -3.60 -34.71 -1.85
CA LEU A 294 -2.55 -35.47 -2.55
C LEU A 294 -3.20 -36.65 -3.26
N PRO A 295 -2.56 -37.16 -4.34
CA PRO A 295 -3.18 -38.32 -4.98
C PRO A 295 -3.34 -39.50 -3.98
N GLU A 296 -4.35 -40.34 -4.23
CA GLU A 296 -4.73 -41.40 -3.28
C GLU A 296 -3.61 -42.42 -3.04
N ASN A 297 -2.93 -42.79 -4.12
CA ASN A 297 -1.82 -43.73 -4.06
C ASN A 297 -0.43 -43.07 -4.24
N TYR A 298 -0.25 -41.88 -3.67
CA TYR A 298 0.96 -41.11 -3.85
C TYR A 298 2.25 -41.82 -3.35
N LYS A 299 2.13 -42.66 -2.31
CA LYS A 299 3.26 -43.46 -1.80
C LYS A 299 3.85 -44.39 -2.85
N ASP A 300 3.07 -44.77 -3.87
CA ASP A 300 3.59 -45.60 -4.97
C ASP A 300 4.78 -44.97 -5.71
N ASP A 301 4.88 -43.65 -5.66
CA ASP A 301 5.93 -42.90 -6.36
C ASP A 301 7.13 -42.58 -5.48
N MET A 302 7.05 -42.86 -4.17
CA MET A 302 8.08 -42.41 -3.24
C MET A 302 9.46 -43.03 -3.40
N SER A 303 9.54 -44.30 -3.79
CA SER A 303 10.85 -44.91 -3.91
C SER A 303 11.62 -44.30 -5.09
N GLU A 304 10.91 -44.00 -6.16
CA GLU A 304 11.51 -43.32 -7.32
C GLU A 304 11.96 -41.91 -6.97
N ILE A 305 11.17 -41.26 -6.14
CA ILE A 305 11.42 -39.90 -5.68
C ILE A 305 12.68 -39.78 -4.83
N GLN A 306 13.07 -40.89 -4.22
CA GLN A 306 14.30 -40.97 -3.42
C GLN A 306 15.61 -41.05 -4.20
N GLU A 307 15.55 -40.91 -5.53
CA GLU A 307 16.76 -40.79 -6.38
C GLU A 307 17.82 -39.90 -5.70
N LYS A 308 19.06 -40.40 -5.58
CA LYS A 308 20.13 -39.68 -4.86
CA LYS A 308 20.09 -39.67 -4.84
C LYS A 308 20.49 -38.37 -5.55
N ILE A 309 20.51 -37.31 -4.75
CA ILE A 309 20.95 -35.98 -5.16
C ILE A 309 22.31 -35.67 -4.50
N ASP A 310 23.03 -34.74 -5.11
CA ASP A 310 24.40 -34.38 -4.72
C ASP A 310 24.47 -33.15 -3.82
N PHE A 311 23.48 -32.26 -3.91
CA PHE A 311 23.45 -31.08 -3.03
C PHE A 311 22.05 -30.51 -2.82
N VAL A 312 21.91 -29.74 -1.75
CA VAL A 312 20.71 -28.99 -1.49
C VAL A 312 21.04 -27.52 -1.64
N GLY A 313 20.25 -26.82 -2.44
CA GLY A 313 20.34 -25.38 -2.50
C GLY A 313 19.26 -24.79 -1.61
N LEU A 314 19.64 -23.86 -0.76
CA LEU A 314 18.70 -23.14 0.07
C LEU A 314 18.72 -21.66 -0.32
N ASN A 315 17.54 -21.13 -0.61
CA ASN A 315 17.31 -19.71 -0.76
C ASN A 315 16.78 -19.17 0.57
N TYR A 316 17.28 -18.03 1.00
CA TYR A 316 16.79 -17.41 2.25
C TYR A 316 16.77 -15.88 2.14
N TYR A 317 15.70 -15.26 2.65
CA TYR A 317 15.49 -13.81 2.53
C TYR A 317 14.97 -13.18 3.81
N SER A 318 14.12 -13.91 4.52
CA SER A 318 13.24 -13.31 5.51
C SER A 318 12.88 -14.17 6.72
N GLY A 319 12.59 -13.51 7.84
CA GLY A 319 11.99 -14.19 9.00
C GLY A 319 10.53 -13.81 9.23
N HIS A 320 9.77 -14.70 9.86
CA HIS A 320 8.36 -14.44 10.11
C HIS A 320 7.94 -14.86 11.50
N LEU A 321 7.23 -13.97 12.19
CA LEU A 321 6.55 -14.31 13.43
C LEU A 321 5.21 -14.94 13.09
N VAL A 322 4.93 -16.07 13.75
CA VAL A 322 3.80 -16.92 13.40
C VAL A 322 2.96 -17.31 14.63
N LYS A 323 1.64 -17.33 14.48
CA LYS A 323 0.77 -17.82 15.53
C LYS A 323 -0.30 -18.73 14.96
N PHE A 324 -0.79 -19.67 15.78
CA PHE A 324 -2.02 -20.39 15.44
C PHE A 324 -3.16 -19.40 15.32
N ASP A 325 -4.03 -19.64 14.34
CA ASP A 325 -5.19 -18.80 14.08
C ASP A 325 -6.27 -19.63 13.42
N PRO A 326 -7.46 -19.75 14.06
CA PRO A 326 -8.57 -20.62 13.59
C PRO A 326 -9.12 -20.29 12.19
N ALA A 330 -5.18 -22.33 6.58
CA ALA A 330 -4.16 -23.30 7.03
C ALA A 330 -3.89 -23.25 8.55
N LYS A 331 -4.70 -22.47 9.26
CA LYS A 331 -4.68 -22.35 10.74
C LYS A 331 -3.43 -21.63 11.27
N VAL A 332 -2.81 -20.84 10.40
CA VAL A 332 -1.60 -20.10 10.71
C VAL A 332 -1.71 -18.72 10.09
N SER A 333 -1.37 -17.68 10.84
CA SER A 333 -1.23 -16.35 10.26
C SER A 333 0.05 -15.69 10.74
N PHE A 334 0.47 -14.64 10.05
CA PHE A 334 1.70 -13.91 10.38
C PHE A 334 1.43 -12.74 11.32
N VAL A 335 2.38 -12.47 12.20
CA VAL A 335 2.31 -11.31 13.08
C VAL A 335 3.36 -10.30 12.63
N GLU A 336 2.92 -9.07 12.36
CA GLU A 336 3.87 -8.01 12.02
C GLU A 336 4.74 -7.65 13.22
N ARG A 337 6.03 -7.52 12.99
CA ARG A 337 6.97 -7.15 14.05
C ARG A 337 7.58 -5.81 13.69
N ASP A 338 8.21 -5.16 14.66
CA ASP A 338 8.97 -3.96 14.34
C ASP A 338 10.05 -4.39 13.35
N LEU A 339 11.32 -4.27 13.71
CA LEU A 339 12.37 -4.83 12.84
C LEU A 339 12.49 -4.16 11.47
N PRO A 340 13.73 -3.86 11.05
CA PRO A 340 13.92 -3.39 9.68
C PRO A 340 13.24 -4.32 8.65
N LYS A 341 12.71 -3.73 7.58
CA LYS A 341 12.12 -4.47 6.46
C LYS A 341 12.76 -3.97 5.17
N THR A 342 12.71 -4.81 4.14
CA THR A 342 13.15 -4.39 2.80
C THR A 342 11.98 -3.70 2.08
N ALA A 343 12.18 -3.26 0.84
CA ALA A 343 11.09 -2.74 0.00
C ALA A 343 9.94 -3.75 -0.25
N MET A 344 10.21 -5.04 -0.08
CA MET A 344 9.18 -6.07 -0.17
C MET A 344 8.31 -6.15 1.10
N GLY A 345 8.75 -5.47 2.15
CA GLY A 345 8.10 -5.57 3.45
C GLY A 345 8.54 -6.83 4.17
N TRP A 346 9.69 -7.38 3.77
CA TRP A 346 10.21 -8.60 4.38
C TRP A 346 11.11 -8.24 5.56
N GLU A 347 10.78 -8.76 6.72
CA GLU A 347 11.58 -8.52 7.91
C GLU A 347 12.96 -9.10 7.75
N ILE A 348 13.97 -8.25 8.00
CA ILE A 348 15.39 -8.59 7.87
C ILE A 348 15.82 -9.34 9.14
N VAL A 349 16.09 -10.63 9.01
CA VAL A 349 16.44 -11.47 10.18
C VAL A 349 17.63 -12.38 9.91
N PRO A 350 18.84 -11.82 9.97
CA PRO A 350 20.03 -12.53 9.49
C PRO A 350 20.31 -13.87 10.14
N GLU A 351 19.90 -14.06 11.40
CA GLU A 351 20.18 -15.34 12.10
C GLU A 351 19.38 -16.51 11.49
N GLY A 352 18.34 -16.16 10.74
CA GLY A 352 17.56 -17.14 9.96
C GLY A 352 18.39 -18.00 9.03
N ILE A 353 19.38 -17.40 8.40
CA ILE A 353 20.18 -18.14 7.42
C ILE A 353 21.09 -19.15 8.12
N TYR A 354 21.57 -18.79 9.32
CA TYR A 354 22.30 -19.70 10.20
C TYR A 354 21.38 -20.83 10.65
N TRP A 355 20.19 -20.46 11.15
CA TRP A 355 19.23 -21.42 11.61
C TRP A 355 18.92 -22.49 10.56
N ILE A 356 18.58 -22.06 9.35
CA ILE A 356 18.13 -22.97 8.29
C ILE A 356 19.28 -23.85 7.80
N LEU A 357 20.49 -23.30 7.87
CA LEU A 357 21.69 -24.06 7.54
C LEU A 357 21.95 -25.18 8.54
N LYS A 358 21.91 -24.83 9.83
CA LYS A 358 22.03 -25.80 10.91
C LYS A 358 20.91 -26.86 10.85
N LYS A 359 19.69 -26.41 10.62
CA LYS A 359 18.53 -27.27 10.67
C LYS A 359 18.56 -28.30 9.53
N VAL A 360 18.96 -27.88 8.33
CA VAL A 360 19.02 -28.82 7.20
C VAL A 360 20.02 -29.95 7.46
N LYS A 361 21.19 -29.62 8.02
CA LYS A 361 22.18 -30.64 8.38
C LYS A 361 21.60 -31.59 9.44
N GLU A 362 21.04 -31.00 10.48
CA GLU A 362 20.47 -31.77 11.56
C GLU A 362 19.35 -32.69 11.07
N GLU A 363 18.51 -32.22 10.14
CA GLU A 363 17.37 -33.02 9.72
C GLU A 363 17.67 -34.04 8.65
N TYR A 364 18.48 -33.68 7.65
CA TYR A 364 18.68 -34.56 6.49
C TYR A 364 20.15 -34.77 6.13
N ASN A 365 21.02 -34.00 6.76
CA ASN A 365 22.45 -34.13 6.54
C ASN A 365 22.88 -34.31 5.08
N PRO A 366 22.48 -33.36 4.19
CA PRO A 366 22.89 -33.58 2.80
C PRO A 366 24.40 -33.38 2.69
N PRO A 367 25.04 -34.07 1.72
CA PRO A 367 26.51 -34.02 1.63
C PRO A 367 27.06 -32.62 1.33
N GLU A 368 26.33 -31.85 0.52
CA GLU A 368 26.68 -30.47 0.20
C GLU A 368 25.46 -29.55 0.30
N VAL A 369 25.69 -28.30 0.69
CA VAL A 369 24.67 -27.28 0.66
C VAL A 369 25.23 -26.03 -0.03
N TYR A 370 24.38 -25.33 -0.77
CA TYR A 370 24.70 -23.99 -1.26
C TYR A 370 23.61 -23.05 -0.82
N ILE A 371 23.96 -21.81 -0.51
CA ILE A 371 22.97 -20.75 -0.48
C ILE A 371 22.88 -20.28 -1.94
N THR A 372 21.79 -20.68 -2.60
CA THR A 372 21.60 -20.42 -4.03
C THR A 372 20.94 -19.06 -4.32
N GLU A 373 20.42 -18.40 -3.27
CA GLU A 373 19.89 -17.04 -3.34
C GLU A 373 19.85 -16.45 -1.94
N ASN A 374 20.30 -15.19 -1.84
CA ASN A 374 20.15 -14.32 -0.63
C ASN A 374 20.31 -12.89 -1.16
N GLY A 375 19.44 -11.99 -0.73
CA GLY A 375 19.49 -10.65 -1.25
C GLY A 375 18.32 -9.88 -0.73
N ALA A 376 18.22 -8.63 -1.17
CA ALA A 376 17.25 -7.68 -0.64
C ALA A 376 16.84 -6.66 -1.69
N ALA A 377 15.57 -6.27 -1.62
CA ALA A 377 15.08 -5.20 -2.46
C ALA A 377 15.07 -3.92 -1.64
N PHE A 378 15.73 -2.89 -2.17
CA PHE A 378 15.64 -1.56 -1.57
C PHE A 378 15.32 -0.59 -2.67
N ASP A 379 14.87 0.59 -2.26
CA ASP A 379 14.45 1.62 -3.18
C ASP A 379 15.67 2.38 -3.66
N ASP A 380 16.43 1.77 -4.58
CA ASP A 380 17.67 2.35 -5.07
C ASP A 380 17.51 3.59 -5.92
N VAL A 381 18.40 4.54 -5.67
CA VAL A 381 18.46 5.82 -6.36
C VAL A 381 19.88 6.06 -6.82
N VAL A 382 20.02 6.50 -8.07
CA VAL A 382 21.29 6.97 -8.58
C VAL A 382 21.53 8.40 -8.09
N SER A 383 22.53 8.56 -7.23
CA SER A 383 22.97 9.87 -6.73
C SER A 383 23.53 10.73 -7.85
N GLU A 384 23.63 12.04 -7.57
CA GLU A 384 24.20 13.00 -8.51
C GLU A 384 25.66 12.69 -8.84
N ASP A 385 26.32 11.95 -7.95
CA ASP A 385 27.68 11.46 -8.19
C ASP A 385 27.80 10.26 -9.15
N GLY A 386 26.66 9.78 -9.66
CA GLY A 386 26.61 8.68 -10.62
C GLY A 386 26.65 7.30 -10.00
N ARG A 387 26.60 7.25 -8.67
CA ARG A 387 26.75 6.02 -7.90
C ARG A 387 25.46 5.66 -7.18
N VAL A 388 25.31 4.38 -6.81
CA VAL A 388 24.14 3.92 -6.08
C VAL A 388 24.57 3.49 -4.69
N HIS A 389 24.21 4.31 -3.71
CA HIS A 389 24.74 4.20 -2.36
C HIS A 389 23.88 3.30 -1.47
N ASP A 390 23.80 2.04 -1.85
CA ASP A 390 22.91 1.09 -1.18
C ASP A 390 23.52 0.46 0.07
N GLN A 391 23.76 1.29 1.09
CA GLN A 391 24.32 0.83 2.36
C GLN A 391 23.39 -0.16 3.04
N ASN A 392 22.08 0.07 2.89
CA ASN A 392 21.10 -0.90 3.37
C ASN A 392 21.36 -2.32 2.81
N ARG A 393 21.68 -2.43 1.52
CA ARG A 393 21.94 -3.75 0.92
C ARG A 393 23.26 -4.34 1.39
N ILE A 394 24.30 -3.50 1.51
CA ILE A 394 25.60 -3.94 2.04
C ILE A 394 25.40 -4.52 3.44
N ASP A 395 24.67 -3.79 4.29
CA ASP A 395 24.41 -4.24 5.68
C ASP A 395 23.68 -5.56 5.72
N TYR A 396 22.70 -5.71 4.83
CA TYR A 396 21.91 -6.94 4.69
C TYR A 396 22.82 -8.09 4.30
N LEU A 397 23.61 -7.91 3.24
CA LEU A 397 24.44 -9.00 2.76
C LEU A 397 25.48 -9.39 3.81
N LYS A 398 26.19 -8.37 4.34
CA LYS A 398 27.24 -8.58 5.35
C LYS A 398 26.71 -9.40 6.53
N ALA A 399 25.58 -8.98 7.08
CA ALA A 399 24.99 -9.72 8.19
C ALA A 399 24.72 -11.19 7.86
N HIS A 400 24.18 -11.47 6.68
CA HIS A 400 23.81 -12.84 6.28
C HIS A 400 25.06 -13.66 5.95
N ILE A 401 26.03 -13.04 5.28
CA ILE A 401 27.31 -13.69 4.99
C ILE A 401 28.01 -14.12 6.30
N GLY A 402 27.99 -13.23 7.30
CA GLY A 402 28.51 -13.54 8.63
C GLY A 402 27.84 -14.72 9.31
N GLN A 403 26.52 -14.83 9.14
CA GLN A 403 25.73 -15.90 9.74
C GLN A 403 25.95 -17.26 9.04
N ALA A 404 26.34 -17.20 7.77
CA ALA A 404 26.65 -18.40 6.99
C ALA A 404 28.07 -18.86 7.30
N TRP A 405 28.96 -17.89 7.52
CA TRP A 405 30.30 -18.17 8.05
C TRP A 405 30.23 -18.99 9.32
N LYS A 406 29.34 -18.61 10.24
CA LYS A 406 29.16 -19.26 11.53
C LYS A 406 28.77 -20.72 11.39
N ALA A 407 27.79 -20.98 10.51
CA ALA A 407 27.30 -22.32 10.21
C ALA A 407 28.40 -23.22 9.67
N ILE A 408 29.31 -22.66 8.89
CA ILE A 408 30.49 -23.38 8.43
C ILE A 408 31.44 -23.72 9.58
N GLN A 409 31.64 -22.79 10.52
CA GLN A 409 32.51 -23.06 11.67
C GLN A 409 31.95 -24.23 12.49
N GLU A 410 30.61 -24.29 12.59
CA GLU A 410 29.91 -25.35 13.31
C GLU A 410 29.58 -26.59 12.46
N GLY A 411 30.22 -26.73 11.30
CA GLY A 411 30.17 -28.00 10.57
C GLY A 411 29.24 -28.16 9.38
N VAL A 412 28.47 -27.13 9.03
CA VAL A 412 27.59 -27.22 7.86
C VAL A 412 28.46 -27.23 6.59
N PRO A 413 28.29 -28.26 5.73
CA PRO A 413 29.01 -28.41 4.47
C PRO A 413 28.58 -27.43 3.37
N LEU A 414 28.56 -26.14 3.70
CA LEU A 414 28.22 -25.06 2.76
C LEU A 414 29.38 -24.83 1.77
N LYS A 415 29.09 -25.00 0.49
CA LYS A 415 30.14 -24.94 -0.52
C LYS A 415 30.18 -23.63 -1.32
N GLY A 416 29.15 -22.82 -1.13
CA GLY A 416 28.96 -21.65 -1.97
C GLY A 416 27.81 -20.79 -1.52
N TYR A 417 27.80 -19.56 -2.03
CA TYR A 417 26.81 -18.57 -1.66
C TYR A 417 26.52 -17.68 -2.89
N PHE A 418 25.25 -17.46 -3.21
CA PHE A 418 24.85 -16.71 -4.42
C PHE A 418 23.98 -15.52 -4.03
N VAL A 419 24.42 -14.33 -4.43
CA VAL A 419 23.61 -13.13 -4.28
C VAL A 419 22.46 -13.11 -5.31
N TRP A 420 21.23 -13.02 -4.82
CA TRP A 420 20.12 -12.62 -5.68
C TRP A 420 20.02 -11.12 -5.58
N SER A 421 20.31 -10.37 -6.64
CA SER A 421 20.63 -10.86 -7.99
C SER A 421 21.81 -10.08 -8.57
N LEU A 422 22.47 -10.60 -9.61
CA LEU A 422 23.39 -9.75 -10.36
C LEU A 422 22.74 -8.40 -10.71
N LEU A 423 21.56 -8.45 -11.35
CA LEU A 423 20.89 -7.26 -11.90
C LEU A 423 19.49 -6.99 -11.30
N ASP A 424 19.10 -5.71 -11.28
CA ASP A 424 17.71 -5.36 -11.10
C ASP A 424 16.97 -6.04 -12.27
N ASN A 425 15.82 -6.64 -12.01
CA ASN A 425 15.16 -7.40 -13.06
C ASN A 425 13.65 -7.43 -12.88
N PHE A 426 12.95 -8.24 -13.67
CA PHE A 426 11.49 -8.36 -13.59
C PHE A 426 11.13 -9.19 -12.35
N GLU A 427 10.58 -8.54 -11.34
CA GLU A 427 10.31 -9.22 -10.09
C GLU A 427 8.89 -9.80 -10.07
N TRP A 428 8.62 -10.67 -11.04
CA TRP A 428 7.39 -11.45 -11.11
C TRP A 428 6.14 -10.54 -11.00
N ALA A 429 5.22 -10.82 -10.09
CA ALA A 429 3.98 -10.06 -10.03
C ALA A 429 4.17 -8.60 -9.57
N GLU A 430 5.37 -8.28 -9.08
CA GLU A 430 5.77 -6.90 -8.75
C GLU A 430 6.30 -6.11 -9.94
N GLY A 431 6.57 -6.78 -11.06
CA GLY A 431 7.17 -6.13 -12.23
C GLY A 431 8.53 -5.52 -11.89
N TYR A 432 8.86 -4.41 -12.53
CA TYR A 432 10.17 -3.77 -12.38
C TYR A 432 10.30 -2.88 -11.13
N SER A 433 9.25 -2.87 -10.32
CA SER A 433 9.17 -1.96 -9.19
C SER A 433 10.07 -2.40 -8.03
N LYS A 434 10.51 -3.66 -8.01
CA LYS A 434 11.40 -4.11 -6.93
C LYS A 434 12.79 -4.43 -7.46
N ARG A 435 13.78 -3.78 -6.87
CA ARG A 435 15.17 -3.89 -7.32
C ARG A 435 16.01 -4.70 -6.33
N PHE A 436 16.47 -5.87 -6.78
CA PHE A 436 17.31 -6.76 -6.00
C PHE A 436 18.79 -6.82 -6.46
N GLY A 437 19.13 -6.13 -7.54
CA GLY A 437 20.47 -6.25 -8.09
C GLY A 437 21.59 -5.67 -7.23
N ILE A 438 22.81 -6.17 -7.42
CA ILE A 438 23.99 -5.47 -6.95
C ILE A 438 24.47 -4.59 -8.11
N VAL A 439 23.81 -4.73 -9.25
CA VAL A 439 24.01 -3.85 -10.41
C VAL A 439 22.64 -3.25 -10.74
N TYR A 440 22.61 -1.93 -10.78
CA TYR A 440 21.46 -1.13 -11.15
C TYR A 440 21.23 -1.14 -12.66
N VAL A 441 19.98 -1.29 -13.07
CA VAL A 441 19.63 -1.22 -14.47
C VAL A 441 18.68 -0.03 -14.69
N ASP A 442 19.13 0.91 -15.52
CA ASP A 442 18.29 2.01 -15.94
C ASP A 442 17.55 1.47 -17.14
N TYR A 443 16.25 1.24 -16.97
CA TYR A 443 15.44 0.55 -18.00
C TYR A 443 15.20 1.35 -19.26
N SER A 444 15.27 2.69 -19.16
CA SER A 444 15.11 3.58 -20.34
C SER A 444 16.29 3.53 -21.31
N THR A 445 17.46 3.17 -20.79
CA THR A 445 18.66 3.07 -21.61
C THR A 445 19.31 1.70 -21.60
N GLN A 446 18.93 0.83 -20.64
CA GLN A 446 19.60 -0.44 -20.38
C GLN A 446 21.03 -0.29 -19.83
N LYS A 447 21.35 0.90 -19.34
CA LYS A 447 22.66 1.15 -18.71
C LYS A 447 22.75 0.38 -17.38
N ARG A 448 23.88 -0.31 -17.18
CA ARG A 448 24.20 -0.98 -15.92
C ARG A 448 25.10 -0.05 -15.11
N ILE A 449 24.81 0.09 -13.82
CA ILE A 449 25.58 0.88 -12.89
C ILE A 449 25.82 0.00 -11.67
N VAL A 450 27.08 -0.42 -11.48
CA VAL A 450 27.46 -1.22 -10.31
C VAL A 450 27.15 -0.46 -9.02
N LYS A 451 26.36 -1.06 -8.16
CA LYS A 451 25.99 -0.43 -6.90
C LYS A 451 27.12 -0.63 -5.89
N ASP A 452 27.11 0.18 -4.84
CA ASP A 452 28.14 0.07 -3.79
C ASP A 452 28.21 -1.36 -3.26
N SER A 453 27.04 -1.99 -3.09
CA SER A 453 26.94 -3.39 -2.69
C SER A 453 27.67 -4.36 -3.64
N GLY A 454 27.55 -4.14 -4.95
CA GLY A 454 28.36 -4.89 -5.93
C GLY A 454 29.87 -4.72 -5.74
N TYR A 455 30.34 -3.49 -5.52
CA TYR A 455 31.76 -3.26 -5.26
C TYR A 455 32.19 -3.91 -3.95
N TRP A 456 31.36 -3.74 -2.94
CA TRP A 456 31.60 -4.32 -1.63
C TRP A 456 31.70 -5.84 -1.68
N TYR A 457 30.80 -6.45 -2.44
CA TYR A 457 30.77 -7.91 -2.63
C TYR A 457 31.98 -8.40 -3.38
N SER A 458 32.45 -7.62 -4.35
CA SER A 458 33.65 -7.93 -5.09
C SER A 458 34.86 -8.10 -4.19
N ASN A 459 34.96 -7.21 -3.20
CA ASN A 459 36.02 -7.23 -2.22
C ASN A 459 35.87 -8.41 -1.27
N VAL A 460 34.63 -8.71 -0.87
CA VAL A 460 34.36 -9.95 -0.14
C VAL A 460 34.85 -11.19 -0.92
N VAL A 461 34.62 -11.24 -2.22
CA VAL A 461 35.01 -12.40 -3.03
C VAL A 461 36.54 -12.49 -3.18
N LYS A 462 37.16 -11.37 -3.54
CA LYS A 462 38.62 -11.24 -3.59
C LYS A 462 39.29 -11.70 -2.29
N ASN A 463 38.78 -11.22 -1.15
CA ASN A 463 39.30 -11.60 0.18
C ASN A 463 38.86 -12.98 0.64
N ASN A 464 37.99 -13.65 -0.13
CA ASN A 464 37.31 -14.88 0.31
C ASN A 464 36.70 -14.80 1.72
N GLY A 465 36.01 -13.69 2.00
CA GLY A 465 35.28 -13.50 3.27
C GLY A 465 35.21 -12.06 3.80
N LEU A 466 34.77 -11.91 5.05
CA LEU A 466 34.56 -10.58 5.66
C LEU A 466 35.73 -10.13 6.55
N GLU A 467 35.72 -8.85 6.91
CA GLU A 467 36.66 -8.27 7.90
C GLU A 467 36.09 -7.00 8.53
N VAL B 25 1.87 -4.23 0.63
CA VAL B 25 0.65 -3.67 -0.04
C VAL B 25 -0.58 -3.69 0.90
N LYS B 26 -1.39 -2.63 0.82
CA LYS B 26 -2.56 -2.48 1.68
C LYS B 26 -3.77 -2.18 0.81
N LYS B 27 -4.47 -3.24 0.43
CA LYS B 27 -5.61 -3.15 -0.46
C LYS B 27 -6.86 -2.86 0.37
N PHE B 28 -7.73 -2.01 -0.16
CA PHE B 28 -8.95 -1.65 0.56
C PHE B 28 -10.13 -2.51 0.08
N PRO B 29 -11.23 -2.54 0.86
CA PRO B 29 -12.49 -3.21 0.50
C PRO B 29 -12.97 -2.93 -0.93
N GLU B 30 -13.89 -3.78 -1.39
CA GLU B 30 -14.41 -3.68 -2.74
C GLU B 30 -15.45 -2.56 -2.72
N GLY B 31 -15.27 -1.59 -3.60
CA GLY B 31 -16.18 -0.45 -3.64
C GLY B 31 -15.83 0.71 -2.70
N PHE B 32 -14.72 0.60 -1.97
CA PHE B 32 -14.21 1.70 -1.15
C PHE B 32 -14.14 2.99 -1.95
N LEU B 33 -14.76 4.05 -1.42
CA LEU B 33 -14.85 5.33 -2.13
C LEU B 33 -13.64 6.25 -1.89
N TRP B 34 -12.93 6.57 -2.97
CA TRP B 34 -11.77 7.45 -2.90
C TRP B 34 -12.21 8.80 -3.42
N GLY B 35 -11.86 9.86 -2.68
CA GLY B 35 -12.38 11.18 -3.02
C GLY B 35 -11.43 12.34 -2.89
N VAL B 36 -11.84 13.49 -3.42
CA VAL B 36 -11.23 14.76 -3.04
C VAL B 36 -12.31 15.73 -2.46
N ALA B 37 -11.91 16.65 -1.59
CA ALA B 37 -12.89 17.57 -0.91
C ALA B 37 -12.55 19.04 -1.13
N THR B 38 -13.59 19.86 -1.34
CA THR B 38 -13.47 21.35 -1.33
C THR B 38 -14.61 22.02 -0.53
N ALA B 39 -14.60 23.36 -0.48
CA ALA B 39 -15.73 24.14 0.03
C ALA B 39 -15.99 25.38 -0.84
N SER B 40 -17.27 25.73 -1.00
CA SER B 40 -17.72 26.82 -1.86
C SER B 40 -16.92 28.10 -1.71
N TYR B 41 -16.90 28.66 -0.48
CA TYR B 41 -16.24 29.94 -0.29
C TYR B 41 -14.71 29.84 -0.47
N GLN B 42 -14.16 28.66 -0.25
CA GLN B 42 -12.71 28.48 -0.34
C GLN B 42 -12.18 28.52 -1.79
N ILE B 43 -13.04 28.17 -2.76
CA ILE B 43 -12.61 27.95 -4.14
C ILE B 43 -13.33 28.77 -5.21
N GLU B 44 -14.59 29.15 -4.95
CA GLU B 44 -15.44 29.65 -6.04
C GLU B 44 -15.15 31.07 -6.52
N GLY B 45 -15.04 32.01 -5.58
CA GLY B 45 -14.95 33.43 -5.93
C GLY B 45 -16.27 33.88 -6.52
N SER B 46 -16.30 35.12 -7.01
CA SER B 46 -17.56 35.70 -7.46
C SER B 46 -18.69 35.50 -6.42
N PRO B 47 -18.44 35.92 -5.15
CA PRO B 47 -19.42 35.64 -4.09
C PRO B 47 -20.79 36.33 -4.35
N LEU B 48 -20.74 37.49 -5.00
CA LEU B 48 -21.93 38.28 -5.28
C LEU B 48 -22.46 38.13 -6.71
N ALA B 49 -21.77 37.36 -7.54
CA ALA B 49 -22.25 37.13 -8.92
C ALA B 49 -23.65 36.54 -8.99
N ASP B 50 -24.42 36.98 -9.98
CA ASP B 50 -25.66 36.29 -10.38
C ASP B 50 -26.77 36.23 -9.33
N GLY B 51 -26.91 37.35 -8.60
CA GLY B 51 -28.00 37.53 -7.64
C GLY B 51 -27.77 36.92 -6.26
N ALA B 52 -26.55 36.43 -6.03
CA ALA B 52 -26.16 35.85 -4.73
C ALA B 52 -26.13 36.90 -3.59
N GLY B 53 -26.59 36.48 -2.40
CA GLY B 53 -26.50 37.31 -1.20
C GLY B 53 -25.11 37.19 -0.61
N MET B 54 -24.74 38.16 0.24
CA MET B 54 -23.47 38.10 0.92
C MET B 54 -23.50 36.96 1.93
N SER B 55 -22.33 36.36 2.18
CA SER B 55 -22.19 35.38 3.27
C SER B 55 -21.52 36.10 4.45
N ILE B 56 -21.48 35.43 5.58
CA ILE B 56 -20.71 35.94 6.74
C ILE B 56 -19.21 35.94 6.51
N TRP B 57 -18.73 35.14 5.56
CA TRP B 57 -17.30 35.13 5.25
C TRP B 57 -16.86 36.29 4.33
N HIS B 58 -17.75 36.71 3.44
CA HIS B 58 -17.55 37.93 2.66
C HIS B 58 -17.37 39.13 3.61
N THR B 59 -18.31 39.34 4.51
CA THR B 59 -18.26 40.49 5.41
C THR B 59 -17.15 40.38 6.45
N PHE B 60 -16.90 39.16 6.93
CA PHE B 60 -15.81 38.94 7.90
C PHE B 60 -14.42 39.16 7.27
N SER B 61 -14.21 38.65 6.05
CA SER B 61 -12.89 38.80 5.41
C SER B 61 -12.70 40.22 4.84
N HIS B 62 -13.77 40.89 4.44
CA HIS B 62 -13.73 42.31 4.10
C HIS B 62 -13.66 43.26 5.30
N THR B 63 -13.57 42.70 6.50
CA THR B 63 -13.33 43.48 7.72
C THR B 63 -11.84 43.46 8.02
N PRO B 64 -11.20 44.63 8.08
CA PRO B 64 -9.77 44.71 8.33
C PRO B 64 -9.32 44.04 9.66
N GLY B 65 -8.26 43.25 9.60
CA GLY B 65 -7.68 42.64 10.79
C GLY B 65 -8.14 41.22 11.08
N ASN B 66 -9.13 40.75 10.34
CA ASN B 66 -9.68 39.41 10.51
C ASN B 66 -8.90 38.28 9.80
N VAL B 67 -8.39 38.57 8.60
CA VAL B 67 -7.70 37.57 7.77
C VAL B 67 -6.27 38.04 7.39
N LYS B 68 -5.32 37.11 7.38
CA LYS B 68 -3.91 37.42 7.02
C LYS B 68 -3.83 38.14 5.68
N ASN B 69 -2.95 39.15 5.59
CA ASN B 69 -2.70 39.90 4.36
C ASN B 69 -3.96 40.50 3.75
N GLY B 70 -5.03 40.61 4.54
CA GLY B 70 -6.33 41.10 4.01
C GLY B 70 -6.92 40.30 2.84
N ASP B 71 -6.68 38.99 2.83
CA ASP B 71 -7.21 38.14 1.76
C ASP B 71 -8.72 37.98 1.93
N THR B 72 -9.42 37.79 0.81
CA THR B 72 -10.85 37.53 0.79
C THR B 72 -11.11 36.40 -0.19
N GLY B 73 -12.34 35.89 -0.24
CA GLY B 73 -12.72 34.90 -1.23
C GLY B 73 -13.40 35.50 -2.43
N ASP B 74 -13.12 36.79 -2.67
CA ASP B 74 -13.62 37.50 -3.85
C ASP B 74 -13.25 36.76 -5.12
N VAL B 75 -12.01 36.29 -5.18
CA VAL B 75 -11.54 35.55 -6.37
C VAL B 75 -11.23 34.10 -6.08
N ALA B 76 -10.44 33.84 -5.04
CA ALA B 76 -9.99 32.48 -4.73
C ALA B 76 -9.44 31.77 -5.99
N CYS B 77 -10.03 30.62 -6.34
CA CYS B 77 -9.59 29.80 -7.45
C CYS B 77 -10.49 30.01 -8.65
N ASP B 78 -11.32 31.04 -8.56
CA ASP B 78 -12.26 31.33 -9.64
C ASP B 78 -12.97 30.06 -10.15
N HIS B 79 -13.24 29.12 -9.23
CA HIS B 79 -13.97 27.89 -9.55
C HIS B 79 -15.37 28.20 -10.05
N TYR B 80 -15.90 29.37 -9.70
CA TYR B 80 -17.19 29.80 -10.26
C TYR B 80 -17.12 29.82 -11.80
N ASN B 81 -15.94 30.13 -12.32
CA ASN B 81 -15.76 30.18 -13.77
C ASN B 81 -15.05 28.93 -14.33
N ARG B 82 -14.15 28.36 -13.54
CA ARG B 82 -13.23 27.30 -13.99
C ARG B 82 -13.61 25.92 -13.45
N TRP B 83 -14.88 25.78 -13.12
CA TRP B 83 -15.42 24.53 -12.56
C TRP B 83 -15.22 23.31 -13.47
N LYS B 84 -15.36 23.49 -14.79
CA LYS B 84 -15.31 22.36 -15.73
C LYS B 84 -13.94 21.73 -15.81
N GLU B 85 -12.90 22.56 -15.89
CA GLU B 85 -11.51 22.13 -15.84
C GLU B 85 -11.18 21.38 -14.56
N ASP B 86 -11.60 21.93 -13.42
CA ASP B 86 -11.33 21.35 -12.11
C ASP B 86 -11.93 19.95 -11.98
N ILE B 87 -13.12 19.78 -12.54
CA ILE B 87 -13.78 18.48 -12.59
C ILE B 87 -12.98 17.52 -13.48
N GLU B 88 -12.51 18.01 -14.63
CA GLU B 88 -11.63 17.22 -15.52
C GLU B 88 -10.35 16.81 -14.83
N ILE B 89 -9.80 17.67 -13.97
CA ILE B 89 -8.65 17.24 -13.16
C ILE B 89 -8.99 16.04 -12.28
N ILE B 90 -10.23 15.97 -11.77
CA ILE B 90 -10.66 14.83 -10.95
C ILE B 90 -10.82 13.60 -11.84
N GLU B 91 -11.60 13.74 -12.91
CA GLU B 91 -11.77 12.70 -13.93
C GLU B 91 -10.41 12.18 -14.46
N LYS B 92 -9.52 13.11 -14.82
CA LYS B 92 -8.17 12.77 -15.28
C LYS B 92 -7.30 12.00 -14.26
N LEU B 93 -7.52 12.24 -12.96
CA LEU B 93 -6.78 11.49 -11.94
C LEU B 93 -7.57 10.26 -11.50
N GLY B 94 -8.77 10.11 -12.06
CA GLY B 94 -9.61 8.93 -11.79
C GLY B 94 -10.26 8.89 -10.40
N VAL B 95 -10.01 9.89 -9.56
CA VAL B 95 -10.67 10.00 -8.25
C VAL B 95 -12.16 9.76 -8.49
N LYS B 96 -12.81 9.00 -7.62
CA LYS B 96 -14.17 8.58 -7.92
C LYS B 96 -15.24 9.40 -7.21
N ALA B 97 -14.83 10.07 -6.12
CA ALA B 97 -15.78 10.90 -5.33
C ALA B 97 -15.35 12.35 -5.22
N TYR B 98 -16.33 13.23 -5.31
CA TYR B 98 -16.09 14.65 -5.11
C TYR B 98 -16.99 15.23 -4.00
N ARG B 99 -16.33 15.68 -2.93
CA ARG B 99 -16.97 16.32 -1.80
C ARG B 99 -16.89 17.83 -1.98
N PHE B 100 -18.04 18.45 -2.18
CA PHE B 100 -18.06 19.90 -2.37
C PHE B 100 -19.25 20.48 -1.61
N SER B 101 -19.17 21.75 -1.25
CA SER B 101 -20.28 22.38 -0.53
C SER B 101 -21.08 23.35 -1.38
N ILE B 102 -22.29 23.60 -0.94
CA ILE B 102 -23.15 24.57 -1.58
C ILE B 102 -23.17 25.88 -0.77
N SER B 103 -23.24 26.99 -1.49
CA SER B 103 -23.28 28.33 -0.93
C SER B 103 -24.74 28.65 -0.64
N TRP B 104 -25.10 28.59 0.63
CA TRP B 104 -26.46 28.90 1.07
C TRP B 104 -26.99 30.19 0.41
N PRO B 105 -26.24 31.31 0.50
CA PRO B 105 -26.70 32.60 -0.06
C PRO B 105 -26.69 32.74 -1.60
N ARG B 106 -26.06 31.80 -2.32
CA ARG B 106 -26.27 31.68 -3.77
C ARG B 106 -27.66 31.17 -4.11
N ILE B 107 -28.21 30.33 -3.23
CA ILE B 107 -29.49 29.65 -3.45
C ILE B 107 -30.64 30.47 -2.87
N LEU B 108 -30.40 31.03 -1.68
CA LEU B 108 -31.39 31.86 -1.03
C LEU B 108 -30.66 33.08 -0.52
N PRO B 109 -30.65 34.15 -1.35
CA PRO B 109 -29.84 35.34 -1.08
C PRO B 109 -30.17 35.99 0.26
N GLU B 110 -31.44 35.85 0.67
CA GLU B 110 -31.93 36.39 1.94
CA GLU B 110 -31.94 36.39 1.93
C GLU B 110 -31.97 35.31 3.03
N GLY B 111 -31.39 34.15 2.73
CA GLY B 111 -31.39 33.03 3.68
C GLY B 111 -32.66 32.19 3.67
N THR B 112 -33.81 32.84 3.55
CA THR B 112 -35.11 32.15 3.41
C THR B 112 -35.87 32.85 2.29
N GLY B 113 -37.00 32.28 1.88
CA GLY B 113 -37.88 32.91 0.90
C GLY B 113 -37.56 32.62 -0.57
N ARG B 114 -37.16 33.69 -1.25
CA ARG B 114 -36.90 33.65 -2.69
C ARG B 114 -35.73 32.76 -3.08
N VAL B 115 -35.99 31.80 -3.97
CA VAL B 115 -34.93 30.91 -4.49
C VAL B 115 -34.24 31.58 -5.69
N ASN B 116 -32.93 31.50 -5.76
CA ASN B 116 -32.20 32.10 -6.86
C ASN B 116 -31.88 31.00 -7.89
N GLN B 117 -32.63 31.02 -9.00
CA GLN B 117 -32.53 30.06 -10.09
C GLN B 117 -31.10 29.94 -10.62
N LYS B 118 -30.44 31.08 -10.78
CA LYS B 118 -29.05 31.11 -11.24
C LYS B 118 -28.05 30.43 -10.28
N GLY B 119 -28.39 30.40 -8.99
CA GLY B 119 -27.59 29.67 -8.02
C GLY B 119 -27.84 28.19 -8.20
N LEU B 120 -29.09 27.84 -8.42
CA LEU B 120 -29.45 26.46 -8.77
C LEU B 120 -28.74 25.94 -10.04
N ASP B 121 -28.71 26.76 -11.08
CA ASP B 121 -28.04 26.45 -12.36
C ASP B 121 -26.58 26.07 -12.16
N PHE B 122 -25.88 26.85 -11.34
CA PHE B 122 -24.45 26.66 -11.17
C PHE B 122 -24.12 25.28 -10.67
N TYR B 123 -24.84 24.85 -9.63
CA TYR B 123 -24.56 23.58 -9.00
C TYR B 123 -25.11 22.38 -9.80
N ASN B 124 -26.27 22.52 -10.46
CA ASN B 124 -26.74 21.44 -11.36
C ASN B 124 -25.74 21.12 -12.48
N ARG B 125 -25.18 22.15 -13.13
CA ARG B 125 -24.07 21.93 -14.07
C ARG B 125 -22.91 21.16 -13.43
N ILE B 126 -22.55 21.48 -12.19
CA ILE B 126 -21.47 20.74 -11.54
C ILE B 126 -21.90 19.29 -11.29
N ILE B 127 -23.15 19.14 -10.84
CA ILE B 127 -23.74 17.83 -10.57
C ILE B 127 -23.85 16.99 -11.85
N ASP B 128 -24.46 17.54 -12.90
CA ASP B 128 -24.60 16.81 -14.18
C ASP B 128 -23.26 16.34 -14.73
N THR B 129 -22.32 17.27 -14.90
CA THR B 129 -20.94 16.97 -15.27
C THR B 129 -20.29 15.84 -14.45
N LEU B 130 -20.42 15.91 -13.12
CA LEU B 130 -19.82 14.87 -12.26
C LEU B 130 -20.36 13.47 -12.59
N LEU B 131 -21.67 13.39 -12.76
CA LEU B 131 -22.35 12.13 -13.09
C LEU B 131 -21.88 11.58 -14.45
N GLU B 132 -21.87 12.49 -15.44
CA GLU B 132 -21.37 12.28 -16.79
C GLU B 132 -19.95 11.73 -16.87
N LYS B 133 -19.13 12.01 -15.84
CA LYS B 133 -17.78 11.44 -15.80
C LYS B 133 -17.67 10.31 -14.78
N GLY B 134 -18.82 9.83 -14.31
CA GLY B 134 -18.87 8.81 -13.26
C GLY B 134 -18.20 9.20 -11.95
N ILE B 135 -18.19 10.51 -11.61
CA ILE B 135 -17.71 10.92 -10.26
C ILE B 135 -18.92 11.09 -9.32
N THR B 136 -18.89 10.40 -8.18
CA THR B 136 -19.97 10.49 -7.18
C THR B 136 -19.86 11.78 -6.34
N PRO B 137 -20.90 12.63 -6.39
CA PRO B 137 -21.03 13.81 -5.51
C PRO B 137 -21.39 13.52 -4.03
N PHE B 138 -20.47 13.86 -3.12
CA PHE B 138 -20.84 14.07 -1.72
C PHE B 138 -21.06 15.57 -1.51
N VAL B 139 -22.30 15.96 -1.21
CA VAL B 139 -22.65 17.39 -1.07
C VAL B 139 -22.74 17.84 0.40
N THR B 140 -21.85 18.75 0.81
CA THR B 140 -21.95 19.38 2.13
C THR B 140 -22.96 20.53 2.04
N ILE B 141 -24.06 20.42 2.78
CA ILE B 141 -25.09 21.46 2.79
C ILE B 141 -24.51 22.77 3.34
N TYR B 142 -23.77 22.68 4.44
CA TYR B 142 -23.25 23.90 5.11
C TYR B 142 -21.78 23.77 5.42
N HIS B 143 -20.97 24.59 4.77
CA HIS B 143 -19.53 24.60 5.06
C HIS B 143 -19.12 26.06 5.34
N TRP B 144 -19.92 26.70 6.22
CA TRP B 144 -19.54 27.91 6.98
C TRP B 144 -19.94 29.24 6.34
N ASP B 145 -20.48 29.21 5.14
CA ASP B 145 -20.83 30.48 4.50
C ASP B 145 -22.29 30.85 4.71
N LEU B 146 -22.64 31.16 5.96
CA LEU B 146 -24.01 31.52 6.34
C LEU B 146 -24.42 32.75 5.56
N PRO B 147 -25.68 32.83 5.08
CA PRO B 147 -26.11 34.12 4.54
C PRO B 147 -26.02 35.21 5.61
N PHE B 148 -25.38 36.32 5.23
CA PHE B 148 -25.28 37.49 6.09
C PHE B 148 -26.66 37.92 6.63
N ALA B 149 -27.70 37.80 5.81
CA ALA B 149 -29.08 38.14 6.19
C ALA B 149 -29.54 37.37 7.42
N LEU B 150 -29.09 36.13 7.55
CA LEU B 150 -29.46 35.36 8.73
C LEU B 150 -28.59 35.72 9.93
N GLN B 151 -27.35 36.17 9.72
CA GLN B 151 -26.51 36.66 10.81
C GLN B 151 -27.09 37.92 11.49
N LEU B 152 -27.74 38.76 10.70
CA LEU B 152 -28.43 39.93 11.17
C LEU B 152 -29.54 39.55 12.13
N LYS B 153 -30.01 38.33 12.01
CA LYS B 153 -31.04 37.78 12.91
C LYS B 153 -30.45 36.81 13.95
N GLY B 154 -29.15 36.87 14.15
CA GLY B 154 -28.51 36.09 15.19
C GLY B 154 -27.84 34.83 14.68
N GLY B 155 -28.15 34.43 13.45
CA GLY B 155 -27.47 33.26 12.84
C GLY B 155 -27.62 32.06 13.74
N TRP B 156 -26.52 31.38 14.06
CA TRP B 156 -26.58 30.12 14.81
C TRP B 156 -27.01 30.29 16.24
N ALA B 157 -26.99 31.51 16.73
CA ALA B 157 -27.47 31.83 18.08
C ALA B 157 -28.98 31.78 18.17
N ASN B 158 -29.67 31.89 17.03
CA ASN B 158 -31.14 31.98 17.02
C ASN B 158 -31.80 30.65 16.80
N ARG B 159 -32.68 30.25 17.72
CA ARG B 159 -33.36 28.95 17.65
C ARG B 159 -34.04 28.75 16.33
N GLU B 160 -34.51 29.85 15.75
CA GLU B 160 -35.20 29.83 14.45
CA GLU B 160 -35.21 29.80 14.47
C GLU B 160 -34.36 29.26 13.32
N ILE B 161 -33.04 29.32 13.47
CA ILE B 161 -32.15 28.75 12.43
C ILE B 161 -32.49 27.27 12.09
N ALA B 162 -33.08 26.53 13.01
CA ALA B 162 -33.44 25.15 12.70
C ALA B 162 -34.53 25.11 11.59
N ASP B 163 -35.43 26.10 11.61
CA ASP B 163 -36.39 26.35 10.51
C ASP B 163 -35.72 26.81 9.24
N TRP B 164 -34.88 27.84 9.35
CA TRP B 164 -34.17 28.35 8.19
C TRP B 164 -33.35 27.22 7.51
N PHE B 165 -32.70 26.36 8.30
CA PHE B 165 -31.84 25.31 7.77
C PHE B 165 -32.68 24.21 7.10
N ALA B 166 -33.82 23.85 7.71
CA ALA B 166 -34.81 22.94 7.16
C ALA B 166 -35.30 23.44 5.80
N GLU B 167 -35.74 24.69 5.74
CA GLU B 167 -36.23 25.25 4.49
C GLU B 167 -35.15 25.20 3.41
N TYR B 168 -33.94 25.64 3.73
CA TYR B 168 -32.80 25.53 2.84
C TYR B 168 -32.48 24.09 2.41
N SER B 169 -32.45 23.16 3.36
CA SER B 169 -32.19 21.77 3.06
C SER B 169 -33.22 21.18 2.09
N ARG B 170 -34.49 21.47 2.36
CA ARG B 170 -35.60 21.07 1.50
C ARG B 170 -35.38 21.51 0.04
N VAL B 171 -35.00 22.77 -0.15
CA VAL B 171 -34.78 23.32 -1.46
C VAL B 171 -33.70 22.51 -2.20
N LEU B 172 -32.56 22.25 -1.56
CA LEU B 172 -31.49 21.43 -2.15
C LEU B 172 -31.92 19.97 -2.38
N PHE B 173 -32.75 19.43 -1.50
CA PHE B 173 -33.20 18.05 -1.66
C PHE B 173 -34.12 17.96 -2.86
N GLU B 174 -35.11 18.86 -2.92
CA GLU B 174 -36.09 18.86 -4.00
C GLU B 174 -35.43 19.13 -5.36
N ASN B 175 -34.44 20.02 -5.40
CA ASN B 175 -33.78 20.37 -6.65
C ASN B 175 -32.62 19.48 -7.07
N PHE B 176 -31.91 18.87 -6.11
CA PHE B 176 -30.70 18.12 -6.41
C PHE B 176 -30.75 16.64 -6.02
N GLY B 177 -31.77 16.25 -5.26
CA GLY B 177 -31.81 14.92 -4.65
C GLY B 177 -31.97 13.75 -5.60
N ASP B 178 -32.53 14.05 -6.78
CA ASP B 178 -32.73 13.08 -7.87
C ASP B 178 -31.39 12.54 -8.40
N ARG B 179 -30.34 13.35 -8.27
CA ARG B 179 -29.02 12.94 -8.73
C ARG B 179 -28.00 12.86 -7.60
N VAL B 180 -28.11 13.71 -6.58
CA VAL B 180 -27.21 13.59 -5.43
C VAL B 180 -27.86 12.74 -4.35
N LYS B 181 -27.14 11.71 -3.90
CA LYS B 181 -27.67 10.70 -2.97
C LYS B 181 -26.77 10.58 -1.75
N ASN B 182 -25.69 11.37 -1.74
CA ASN B 182 -24.82 11.41 -0.57
C ASN B 182 -24.68 12.84 -0.02
N TRP B 183 -25.19 13.03 1.19
CA TRP B 183 -25.42 14.39 1.72
C TRP B 183 -24.79 14.55 3.09
N ILE B 184 -24.32 15.76 3.37
CA ILE B 184 -23.77 16.07 4.68
C ILE B 184 -24.46 17.34 5.11
N THR B 185 -25.02 17.32 6.32
CA THR B 185 -25.72 18.51 6.82
C THR B 185 -24.72 19.60 7.13
N LEU B 186 -23.79 19.33 8.04
CA LEU B 186 -22.90 20.34 8.55
C LEU B 186 -21.47 19.88 8.50
N ASN B 187 -20.58 20.78 8.10
CA ASN B 187 -19.16 20.58 8.27
C ASN B 187 -18.73 21.15 9.61
N GLU B 188 -18.30 20.27 10.51
CA GLU B 188 -17.61 20.66 11.75
C GLU B 188 -18.35 21.68 12.59
N PRO B 189 -19.51 21.28 13.15
CA PRO B 189 -20.25 22.26 13.95
C PRO B 189 -19.44 22.81 15.14
N TRP B 190 -18.45 22.06 15.64
CA TRP B 190 -17.59 22.56 16.74
C TRP B 190 -16.83 23.84 16.35
N VAL B 191 -16.30 23.85 15.12
CA VAL B 191 -15.56 24.98 14.63
C VAL B 191 -16.54 26.13 14.47
N VAL B 192 -17.67 25.85 13.83
CA VAL B 192 -18.71 26.84 13.57
C VAL B 192 -19.07 27.58 14.86
N ALA B 193 -19.41 26.81 15.91
CA ALA B 193 -19.79 27.33 17.19
C ALA B 193 -18.59 27.94 17.92
N ILE B 194 -17.54 27.16 18.12
CA ILE B 194 -16.48 27.60 19.04
C ILE B 194 -15.51 28.59 18.39
N VAL B 195 -15.09 28.33 17.18
CA VAL B 195 -14.10 29.21 16.54
C VAL B 195 -14.81 30.47 16.03
N GLY B 196 -16.04 30.33 15.54
CA GLY B 196 -16.83 31.48 15.08
C GLY B 196 -17.43 32.33 16.19
N HIS B 197 -17.80 31.73 17.32
CA HIS B 197 -18.52 32.46 18.37
C HIS B 197 -17.87 32.49 19.76
N LEU B 198 -16.81 31.72 19.98
CA LEU B 198 -16.07 31.86 21.25
C LEU B 198 -14.68 32.48 21.06
N TYR B 199 -13.92 32.00 20.08
CA TYR B 199 -12.56 32.49 19.83
C TYR B 199 -12.56 33.72 18.97
N GLY B 200 -13.61 33.88 18.16
CA GLY B 200 -13.75 35.03 17.28
C GLY B 200 -12.84 35.01 16.06
N VAL B 201 -12.20 33.87 15.80
CA VAL B 201 -11.20 33.69 14.71
C VAL B 201 -11.86 33.47 13.36
N HIS B 202 -13.07 32.90 13.38
CA HIS B 202 -13.80 32.65 12.14
C HIS B 202 -15.07 33.50 12.15
N ALA B 203 -15.69 33.71 10.99
CA ALA B 203 -17.01 34.37 10.95
C ALA B 203 -18.02 33.64 11.89
N PRO B 204 -18.90 34.41 12.60
CA PRO B 204 -19.06 35.87 12.57
C PRO B 204 -18.15 36.69 13.51
N GLY B 205 -17.11 36.09 14.07
CA GLY B 205 -16.08 36.85 14.78
C GLY B 205 -16.47 37.31 16.17
N MET B 206 -17.25 36.47 16.86
CA MET B 206 -17.79 36.76 18.18
CA MET B 206 -17.78 36.78 18.19
C MET B 206 -17.01 36.04 19.29
N ARG B 207 -16.96 36.61 20.49
CA ARG B 207 -16.40 35.92 21.64
C ARG B 207 -17.37 35.99 22.81
N ASP B 208 -18.21 34.98 22.91
CA ASP B 208 -19.21 34.92 23.96
C ASP B 208 -19.53 33.45 24.14
N ILE B 209 -19.21 32.92 25.33
CA ILE B 209 -19.29 31.48 25.56
C ILE B 209 -20.74 31.01 25.66
N TYR B 210 -21.63 31.91 26.04
CA TYR B 210 -23.05 31.58 26.12
C TYR B 210 -23.65 31.47 24.72
N VAL B 211 -23.28 32.40 23.83
CA VAL B 211 -23.66 32.34 22.42
C VAL B 211 -23.07 31.08 21.78
N ALA B 212 -21.77 30.84 22.00
CA ALA B 212 -21.07 29.66 21.48
C ALA B 212 -21.81 28.34 21.77
N PHE B 213 -22.25 28.14 23.01
CA PHE B 213 -22.96 26.91 23.32
C PHE B 213 -24.40 26.84 22.81
N ARG B 214 -25.03 28.00 22.61
CA ARG B 214 -26.34 28.00 21.98
C ARG B 214 -26.22 27.67 20.50
N ALA B 215 -25.12 28.13 19.88
CA ALA B 215 -24.79 27.71 18.50
C ALA B 215 -24.57 26.18 18.44
N VAL B 216 -23.80 25.64 19.38
CA VAL B 216 -23.63 24.16 19.50
C VAL B 216 -24.98 23.44 19.44
N HIS B 217 -25.91 23.88 20.29
CA HIS B 217 -27.25 23.32 20.43
C HIS B 217 -28.15 23.55 19.23
N ASN B 218 -28.16 24.76 18.71
CA ASN B 218 -28.88 25.07 17.47
C ASN B 218 -28.34 24.35 16.21
N LEU B 219 -27.04 24.06 16.18
CA LEU B 219 -26.43 23.27 15.08
C LEU B 219 -27.06 21.88 15.03
N LEU B 220 -27.12 21.23 16.17
CA LEU B 220 -27.69 19.89 16.29
C LEU B 220 -29.17 19.87 15.95
N ARG B 221 -29.90 20.87 16.43
CA ARG B 221 -31.32 20.97 16.15
C ARG B 221 -31.57 21.19 14.66
N ALA B 222 -30.77 22.03 14.02
CA ALA B 222 -30.89 22.30 12.59
C ALA B 222 -30.54 21.06 11.75
N HIS B 223 -29.39 20.44 12.07
CA HIS B 223 -29.01 19.14 11.53
C HIS B 223 -30.15 18.10 11.52
N ALA B 224 -30.79 17.93 12.67
CA ALA B 224 -31.86 16.95 12.84
C ALA B 224 -33.09 17.30 12.06
N ARG B 225 -33.38 18.60 11.93
CA ARG B 225 -34.53 19.05 11.15
C ARG B 225 -34.31 18.77 9.68
N ALA B 226 -33.07 18.90 9.23
CA ALA B 226 -32.67 18.64 7.85
C ALA B 226 -32.73 17.15 7.51
N VAL B 227 -32.21 16.30 8.40
CA VAL B 227 -32.32 14.84 8.25
C VAL B 227 -33.80 14.42 8.20
N LYS B 228 -34.62 15.01 9.06
CA LYS B 228 -36.04 14.73 9.08
C LYS B 228 -36.70 15.13 7.75
N VAL B 229 -36.24 16.23 7.15
CA VAL B 229 -36.72 16.66 5.82
C VAL B 229 -36.19 15.74 4.73
N PHE B 230 -34.98 15.24 4.93
CA PHE B 230 -34.36 14.37 3.96
C PHE B 230 -35.22 13.12 3.74
N ARG B 231 -35.84 12.61 4.81
CA ARG B 231 -36.58 11.35 4.74
C ARG B 231 -37.88 11.53 3.96
N GLU B 232 -38.38 12.77 3.97
CA GLU B 232 -39.59 13.19 3.27
C GLU B 232 -39.35 13.46 1.77
N THR B 233 -38.08 13.61 1.37
CA THR B 233 -37.76 14.17 0.06
C THR B 233 -36.77 13.38 -0.80
N VAL B 234 -35.90 12.58 -0.18
CA VAL B 234 -34.92 11.85 -0.99
C VAL B 234 -34.94 10.33 -0.73
N LYS B 235 -35.26 9.58 -1.79
CA LYS B 235 -35.34 8.11 -1.71
C LYS B 235 -34.01 7.53 -2.21
N ASP B 236 -33.53 6.47 -1.56
CA ASP B 236 -32.25 5.88 -1.94
C ASP B 236 -31.07 6.78 -1.55
N GLY B 237 -31.35 7.81 -0.77
CA GLY B 237 -30.31 8.72 -0.30
C GLY B 237 -29.70 8.34 1.05
N LYS B 238 -28.44 8.76 1.23
CA LYS B 238 -27.74 8.64 2.51
C LYS B 238 -27.41 10.06 3.02
N ILE B 239 -27.57 10.26 4.33
CA ILE B 239 -27.28 11.57 4.94
C ILE B 239 -26.46 11.42 6.22
N GLY B 240 -25.45 12.27 6.35
CA GLY B 240 -24.53 12.21 7.50
C GLY B 240 -24.17 13.61 8.00
N ILE B 241 -23.09 13.66 8.79
CA ILE B 241 -22.64 14.88 9.43
C ILE B 241 -21.17 14.70 9.72
N VAL B 242 -20.41 15.79 9.63
CA VAL B 242 -18.95 15.79 9.67
C VAL B 242 -18.41 16.52 10.88
N PHE B 243 -17.40 15.90 11.52
CA PHE B 243 -16.83 16.36 12.77
C PHE B 243 -15.34 16.46 12.67
N ASN B 244 -14.78 17.55 13.20
CA ASN B 244 -13.34 17.68 13.33
C ASN B 244 -12.92 16.79 14.45
N ASN B 245 -11.70 16.24 14.36
CA ASN B 245 -11.16 15.37 15.39
C ASN B 245 -9.65 15.53 15.51
N GLY B 246 -9.16 15.55 16.74
CA GLY B 246 -7.74 15.55 17.01
C GLY B 246 -7.45 14.35 17.90
N TYR B 247 -6.22 13.83 17.80
CA TYR B 247 -5.75 12.77 18.66
C TYR B 247 -5.02 13.43 19.78
N PHE B 248 -5.66 13.42 20.95
CA PHE B 248 -5.10 13.99 22.17
C PHE B 248 -4.41 12.93 23.03
N GLU B 249 -3.17 13.24 23.45
CA GLU B 249 -2.41 12.36 24.34
C GLU B 249 -2.02 13.13 25.60
N PRO B 250 -1.93 12.44 26.75
CA PRO B 250 -1.57 13.13 27.99
C PRO B 250 -0.06 13.44 28.06
N ALA B 251 0.28 14.52 28.74
CA ALA B 251 1.67 14.98 28.84
C ALA B 251 2.44 14.11 29.82
N SER B 252 1.77 13.69 30.89
CA SER B 252 2.30 12.74 31.84
C SER B 252 1.28 11.63 32.00
N GLU B 253 1.68 10.56 32.70
CA GLU B 253 0.76 9.50 33.09
C GLU B 253 -0.03 9.83 34.36
N LYS B 254 0.11 11.07 34.87
CA LYS B 254 -0.68 11.52 36.02
C LYS B 254 -2.20 11.53 35.76
N GLU B 255 -2.94 11.20 36.82
CA GLU B 255 -4.41 11.21 36.87
C GLU B 255 -5.08 12.34 36.08
N GLU B 256 -4.85 13.57 36.55
CA GLU B 256 -5.43 14.80 35.99
C GLU B 256 -5.13 15.05 34.52
N ASP B 257 -3.95 14.62 34.08
CA ASP B 257 -3.56 14.73 32.67
C ASP B 257 -4.43 13.85 31.77
N ILE B 258 -4.67 12.62 32.24
CA ILE B 258 -5.39 11.62 31.48
C ILE B 258 -6.85 12.04 31.38
N ARG B 259 -7.34 12.59 32.49
CA ARG B 259 -8.68 13.15 32.54
CA ARG B 259 -8.69 13.13 32.53
C ARG B 259 -8.80 14.33 31.60
N ALA B 260 -7.73 15.14 31.50
CA ALA B 260 -7.72 16.29 30.58
C ALA B 260 -7.88 15.88 29.12
N VAL B 261 -7.24 14.77 28.73
CA VAL B 261 -7.44 14.16 27.41
C VAL B 261 -8.91 13.76 27.21
N ARG B 262 -9.48 13.11 28.22
CA ARG B 262 -10.87 12.71 28.22
C ARG B 262 -11.79 13.93 27.96
N PHE B 263 -11.56 15.04 28.69
CA PHE B 263 -12.31 16.27 28.47
C PHE B 263 -12.17 16.73 27.02
N MET B 264 -10.95 16.68 26.47
CA MET B 264 -10.66 17.20 25.14
C MET B 264 -11.28 16.36 24.03
N HIS B 265 -11.26 15.06 24.23
CA HIS B 265 -11.97 14.17 23.32
C HIS B 265 -13.48 14.48 23.39
N GLN B 266 -14.03 14.61 24.60
CA GLN B 266 -15.47 14.87 24.74
C GLN B 266 -15.92 16.20 24.08
N PHE B 267 -15.11 17.25 24.21
CA PHE B 267 -15.49 18.62 23.76
C PHE B 267 -15.10 18.88 22.30
N ASN B 268 -13.83 18.61 21.99
CA ASN B 268 -13.26 18.92 20.69
C ASN B 268 -13.57 17.93 19.60
N ASN B 269 -13.84 16.68 20.00
CA ASN B 269 -14.06 15.60 19.01
C ASN B 269 -15.55 15.26 18.80
N TYR B 270 -15.85 14.23 17.99
CA TYR B 270 -17.25 13.81 17.69
C TYR B 270 -18.24 13.63 18.88
N PRO B 271 -17.78 13.20 20.09
CA PRO B 271 -18.79 12.93 21.15
C PRO B 271 -19.63 14.15 21.54
N LEU B 272 -19.10 15.37 21.39
CA LEU B 272 -19.87 16.59 21.66
C LEU B 272 -21.23 16.54 20.94
N PHE B 273 -21.24 15.96 19.74
CA PHE B 273 -22.41 15.91 18.91
C PHE B 273 -23.02 14.52 18.80
N LEU B 274 -22.20 13.48 18.92
CA LEU B 274 -22.67 12.09 18.83
C LEU B 274 -23.26 11.54 20.12
N ASN B 275 -22.83 12.05 21.27
CA ASN B 275 -23.53 11.69 22.51
C ASN B 275 -24.98 12.18 22.44
N PRO B 276 -25.21 13.48 22.12
CA PRO B 276 -26.60 13.89 21.83
C PRO B 276 -27.37 13.04 20.82
N ILE B 277 -26.82 12.90 19.60
CA ILE B 277 -27.45 12.14 18.50
C ILE B 277 -27.72 10.65 18.86
N TYR B 278 -26.73 9.97 19.46
CA TYR B 278 -26.91 8.56 19.85
C TYR B 278 -27.44 8.26 21.28
N ARG B 279 -27.15 9.13 22.25
CA ARG B 279 -27.50 8.85 23.64
C ARG B 279 -28.46 9.88 24.28
N GLY B 280 -28.73 10.99 23.61
CA GLY B 280 -29.75 11.93 24.06
C GLY B 280 -29.31 12.90 25.14
N ASP B 281 -28.00 13.12 25.26
CA ASP B 281 -27.46 14.19 26.11
C ASP B 281 -26.02 14.55 25.73
N TYR B 282 -25.52 15.68 26.20
CA TYR B 282 -24.11 16.01 26.03
C TYR B 282 -23.20 15.11 26.88
N PRO B 283 -21.92 14.96 26.48
CA PRO B 283 -20.98 14.17 27.25
C PRO B 283 -20.84 14.74 28.64
N GLU B 284 -20.57 13.87 29.63
CA GLU B 284 -20.59 14.30 31.02
C GLU B 284 -19.56 15.36 31.39
N LEU B 285 -18.38 15.34 30.77
CA LEU B 285 -17.36 16.33 31.12
C LEU B 285 -17.62 17.66 30.40
N VAL B 286 -18.29 17.60 29.25
CA VAL B 286 -18.81 18.80 28.58
C VAL B 286 -19.84 19.48 29.49
N LEU B 287 -20.74 18.69 30.06
CA LEU B 287 -21.73 19.20 30.99
C LEU B 287 -21.13 19.80 32.28
N GLU B 288 -20.10 19.16 32.83
CA GLU B 288 -19.41 19.72 34.00
C GLU B 288 -18.84 21.09 33.69
N PHE B 289 -18.30 21.23 32.49
CA PHE B 289 -17.72 22.49 32.03
C PHE B 289 -18.76 23.54 31.67
N ALA B 290 -19.76 23.13 30.92
CA ALA B 290 -20.49 24.07 30.09
C ALA B 290 -22.01 24.13 30.28
N ARG B 291 -22.53 23.44 31.29
CA ARG B 291 -23.97 23.43 31.59
C ARG B 291 -24.57 24.81 31.84
N GLU B 292 -23.87 25.72 32.52
CA GLU B 292 -24.41 27.07 32.74
CA GLU B 292 -24.40 27.08 32.74
C GLU B 292 -24.51 27.88 31.43
N TYR B 293 -23.76 27.46 30.40
CA TYR B 293 -23.73 28.13 29.09
C TYR B 293 -24.77 27.63 28.11
N LEU B 294 -25.36 26.48 28.41
CA LEU B 294 -26.31 25.83 27.49
C LEU B 294 -27.71 26.34 27.73
N PRO B 295 -28.58 26.28 26.70
CA PRO B 295 -29.94 26.79 26.94
C PRO B 295 -30.57 26.10 28.14
N GLU B 296 -31.31 26.89 28.92
CA GLU B 296 -32.22 26.33 29.89
C GLU B 296 -33.18 25.40 29.15
N ASN B 297 -33.39 24.21 29.70
CA ASN B 297 -34.28 23.24 29.08
C ASN B 297 -33.79 22.68 27.75
N TYR B 298 -32.47 22.74 27.50
CA TYR B 298 -31.90 22.20 26.25
C TYR B 298 -32.29 20.72 26.04
N LYS B 299 -32.51 19.99 27.13
CA LYS B 299 -32.70 18.57 26.99
C LYS B 299 -34.07 18.22 26.43
N ASP B 300 -34.99 19.20 26.42
CA ASP B 300 -36.28 19.03 25.76
C ASP B 300 -36.09 18.79 24.28
N ASP B 301 -34.98 19.29 23.72
CA ASP B 301 -34.75 19.16 22.28
C ASP B 301 -34.03 17.87 21.92
N MET B 302 -33.59 17.12 22.92
CA MET B 302 -32.69 15.96 22.68
C MET B 302 -33.34 14.79 21.97
N SER B 303 -34.61 14.52 22.26
CA SER B 303 -35.30 13.41 21.59
C SER B 303 -35.52 13.70 20.09
N GLU B 304 -35.62 14.98 19.72
CA GLU B 304 -35.60 15.37 18.30
C GLU B 304 -34.19 15.31 17.68
N ILE B 305 -33.20 15.66 18.46
CA ILE B 305 -31.81 15.62 17.99
C ILE B 305 -31.36 14.18 17.57
N GLN B 306 -31.92 13.16 18.21
CA GLN B 306 -31.62 11.75 17.91
C GLN B 306 -32.19 11.20 16.61
N GLU B 307 -32.81 12.05 15.80
CA GLU B 307 -33.15 11.69 14.43
C GLU B 307 -32.01 10.85 13.80
N LYS B 308 -32.37 9.66 13.30
CA LYS B 308 -31.42 8.63 12.84
C LYS B 308 -30.62 9.07 11.61
N ILE B 309 -29.29 8.92 11.68
CA ILE B 309 -28.37 9.22 10.58
C ILE B 309 -27.80 7.96 9.88
N ASP B 310 -27.22 8.14 8.71
CA ASP B 310 -26.73 7.01 7.93
C ASP B 310 -25.24 6.82 8.09
N PHE B 311 -24.51 7.91 8.28
CA PHE B 311 -23.06 7.83 8.41
C PHE B 311 -22.51 8.97 9.23
N VAL B 312 -21.30 8.75 9.76
CA VAL B 312 -20.54 9.78 10.43
C VAL B 312 -19.32 10.09 9.57
N GLY B 313 -19.16 11.36 9.20
CA GLY B 313 -17.93 11.79 8.54
C GLY B 313 -16.95 12.20 9.63
N LEU B 314 -15.70 11.75 9.50
CA LEU B 314 -14.65 12.22 10.41
C LEU B 314 -13.55 12.93 9.62
N ASN B 315 -13.20 14.11 10.10
CA ASN B 315 -12.10 14.89 9.55
C ASN B 315 -10.94 14.72 10.51
N TYR B 316 -9.75 14.45 9.99
CA TYR B 316 -8.57 14.29 10.87
C TYR B 316 -7.29 14.88 10.25
N TYR B 317 -6.52 15.57 11.09
CA TYR B 317 -5.32 16.23 10.61
C TYR B 317 -4.13 16.07 11.51
N SER B 318 -4.35 16.18 12.80
CA SER B 318 -3.23 16.43 13.69
C SER B 318 -3.43 15.82 15.05
N GLY B 319 -2.36 15.81 15.85
CA GLY B 319 -2.38 15.30 17.22
C GLY B 319 -1.84 16.34 18.15
N HIS B 320 -2.22 16.26 19.43
CA HIS B 320 -1.90 17.29 20.39
C HIS B 320 -1.58 16.61 21.69
N LEU B 321 -0.60 17.17 22.41
CA LEU B 321 -0.23 16.69 23.73
C LEU B 321 -0.83 17.66 24.73
N VAL B 322 -1.40 17.10 25.80
CA VAL B 322 -2.32 17.83 26.64
C VAL B 322 -2.06 17.59 28.12
N LYS B 323 -2.28 18.61 28.94
CA LYS B 323 -2.09 18.50 30.38
C LYS B 323 -3.17 19.26 31.13
N PHE B 324 -3.44 18.83 32.36
CA PHE B 324 -4.25 19.61 33.29
C PHE B 324 -3.50 20.88 33.65
N ASP B 325 -4.26 21.96 33.85
CA ASP B 325 -3.72 23.28 34.15
C ASP B 325 -4.81 24.13 34.77
N PRO B 326 -4.72 24.37 36.09
CA PRO B 326 -5.74 25.08 36.87
C PRO B 326 -5.95 26.54 36.46
N ASP B 327 -5.07 27.07 35.61
CA ASP B 327 -5.13 28.46 35.18
CA ASP B 327 -5.11 28.46 35.16
C ASP B 327 -5.83 28.63 33.84
N ALA B 328 -5.97 27.53 33.09
CA ALA B 328 -6.59 27.57 31.75
C ALA B 328 -8.11 27.51 31.81
N ALA B 330 -10.62 26.10 30.59
CA ALA B 330 -11.24 24.79 30.69
C ALA B 330 -10.42 23.78 31.52
N LYS B 331 -9.43 24.33 32.25
CA LYS B 331 -8.46 23.55 33.05
C LYS B 331 -7.57 22.60 32.22
N VAL B 332 -7.29 22.98 30.98
CA VAL B 332 -6.45 22.20 30.06
C VAL B 332 -5.57 23.11 29.21
N SER B 333 -4.28 22.82 29.14
CA SER B 333 -3.35 23.49 28.21
C SER B 333 -2.71 22.49 27.28
N PHE B 334 -2.56 22.88 26.01
CA PHE B 334 -1.75 22.13 25.08
C PHE B 334 -0.30 22.29 25.51
N VAL B 335 0.55 21.39 25.07
CA VAL B 335 1.98 21.51 25.28
C VAL B 335 2.67 21.05 24.00
N GLU B 336 3.59 21.87 23.52
CA GLU B 336 4.23 21.60 22.24
C GLU B 336 5.17 20.40 22.36
N ARG B 337 5.37 19.71 21.24
CA ARG B 337 6.22 18.54 21.16
C ARG B 337 7.16 18.71 19.98
N ASP B 338 8.03 17.72 19.78
CA ASP B 338 8.88 17.71 18.62
C ASP B 338 8.06 17.31 17.39
N LEU B 339 8.26 16.08 16.93
CA LEU B 339 7.54 15.55 15.77
C LEU B 339 7.53 16.54 14.61
N PRO B 340 7.54 16.02 13.36
CA PRO B 340 7.35 16.91 12.20
C PRO B 340 6.09 17.78 12.33
N LYS B 341 5.94 18.78 11.48
CA LYS B 341 4.80 19.70 11.51
C LYS B 341 4.48 20.13 10.09
N THR B 342 3.28 20.66 9.87
CA THR B 342 2.98 21.19 8.55
C THR B 342 3.22 22.69 8.61
N ALA B 343 2.98 23.37 7.48
CA ALA B 343 2.96 24.83 7.44
C ALA B 343 2.06 25.44 8.54
N MET B 344 0.98 24.75 8.90
CA MET B 344 0.07 25.21 9.96
C MET B 344 0.67 25.06 11.35
N GLY B 345 1.75 24.29 11.44
CA GLY B 345 2.39 24.04 12.73
C GLY B 345 1.77 22.86 13.45
N TRP B 346 0.95 22.09 12.73
CA TRP B 346 0.22 20.97 13.28
C TRP B 346 1.03 19.69 13.23
N GLU B 347 1.32 19.13 14.41
CA GLU B 347 2.10 17.89 14.52
C GLU B 347 1.48 16.72 13.77
N ILE B 348 2.32 16.04 12.99
CA ILE B 348 1.94 14.89 12.18
C ILE B 348 2.02 13.63 13.02
N VAL B 349 0.84 13.05 13.32
CA VAL B 349 0.69 11.89 14.19
C VAL B 349 -0.29 10.90 13.53
N PRO B 350 0.12 10.22 12.44
CA PRO B 350 -0.83 9.42 11.64
C PRO B 350 -1.59 8.33 12.42
N GLU B 351 -1.05 7.88 13.55
CA GLU B 351 -1.74 6.89 14.40
C GLU B 351 -2.96 7.46 15.17
N GLY B 352 -3.25 8.75 14.94
CA GLY B 352 -4.47 9.37 15.45
C GLY B 352 -5.66 9.05 14.58
N ILE B 353 -5.45 8.84 13.28
CA ILE B 353 -6.55 8.50 12.40
C ILE B 353 -7.02 7.07 12.62
N TYR B 354 -6.16 6.26 13.22
CA TYR B 354 -6.52 4.88 13.57
C TYR B 354 -7.30 4.93 14.88
N TRP B 355 -6.72 5.64 15.86
CA TRP B 355 -7.29 5.77 17.18
C TRP B 355 -8.72 6.34 17.14
N ILE B 356 -8.94 7.32 16.26
CA ILE B 356 -10.21 8.04 16.20
C ILE B 356 -11.29 7.15 15.58
N LEU B 357 -10.82 6.31 14.66
CA LEU B 357 -11.68 5.36 13.95
C LEU B 357 -12.08 4.21 14.86
N LYS B 358 -11.13 3.70 15.65
CA LYS B 358 -11.43 2.65 16.60
C LYS B 358 -12.37 3.20 17.65
N LYS B 359 -12.01 4.36 18.18
CA LYS B 359 -12.78 5.01 19.25
C LYS B 359 -14.25 5.26 18.87
N VAL B 360 -14.53 5.69 17.63
CA VAL B 360 -15.92 5.97 17.25
C VAL B 360 -16.80 4.71 17.13
N LYS B 361 -16.19 3.61 16.68
CA LYS B 361 -16.88 2.33 16.63
C LYS B 361 -17.13 1.84 18.06
N GLU B 362 -16.14 1.98 18.93
CA GLU B 362 -16.30 1.65 20.34
C GLU B 362 -17.38 2.42 21.10
N GLU B 363 -17.46 3.72 20.86
CA GLU B 363 -18.31 4.59 21.66
C GLU B 363 -19.72 4.67 21.11
N TYR B 364 -19.85 4.76 19.80
CA TYR B 364 -21.18 4.99 19.20
C TYR B 364 -21.57 3.94 18.15
N ASN B 365 -20.57 3.25 17.63
CA ASN B 365 -20.79 2.15 16.68
C ASN B 365 -21.70 2.56 15.52
N PRO B 366 -21.32 3.63 14.78
CA PRO B 366 -22.13 4.05 13.62
C PRO B 366 -22.07 3.02 12.48
N PRO B 367 -23.14 2.92 11.67
CA PRO B 367 -23.15 1.87 10.63
C PRO B 367 -22.07 2.07 9.57
N GLU B 368 -21.91 3.32 9.11
CA GLU B 368 -20.85 3.70 8.20
C GLU B 368 -20.06 4.87 8.78
N VAL B 369 -18.77 4.90 8.45
CA VAL B 369 -17.88 6.00 8.78
C VAL B 369 -17.13 6.36 7.52
N TYR B 370 -16.92 7.66 7.28
CA TYR B 370 -16.06 8.13 6.16
C TYR B 370 -15.01 9.06 6.73
N ILE B 371 -13.80 9.04 6.18
CA ILE B 371 -12.84 10.11 6.41
C ILE B 371 -13.23 11.17 5.40
N THR B 372 -13.82 12.27 5.86
CA THR B 372 -14.37 13.27 4.95
C THR B 372 -13.33 14.37 4.58
N GLU B 373 -12.27 14.44 5.38
CA GLU B 373 -11.12 15.27 5.08
C GLU B 373 -9.91 14.74 5.78
N ASN B 374 -8.77 14.77 5.09
CA ASN B 374 -7.46 14.51 5.67
C ASN B 374 -6.45 15.10 4.67
N GLY B 375 -5.38 15.71 5.17
CA GLY B 375 -4.54 16.53 4.29
C GLY B 375 -3.46 17.30 5.02
N ALA B 376 -2.61 17.99 4.27
CA ALA B 376 -1.54 18.77 4.89
C ALA B 376 -1.20 20.03 4.12
N ALA B 377 -0.74 21.04 4.85
CA ALA B 377 -0.23 22.25 4.21
C ALA B 377 1.30 22.23 4.25
N PHE B 378 1.93 22.55 3.13
CA PHE B 378 3.39 22.71 3.07
C PHE B 378 3.69 23.80 2.08
N ASP B 379 4.87 24.40 2.21
CA ASP B 379 5.31 25.44 1.29
CA ASP B 379 5.30 25.44 1.26
C ASP B 379 5.65 24.83 -0.09
N ASP B 380 4.61 24.47 -0.86
CA ASP B 380 4.71 23.92 -2.21
C ASP B 380 5.31 24.93 -3.18
N VAL B 381 6.03 24.42 -4.17
CA VAL B 381 6.83 25.26 -5.09
C VAL B 381 6.84 24.68 -6.49
N VAL B 382 6.59 25.53 -7.48
CA VAL B 382 6.65 25.13 -8.89
C VAL B 382 8.11 25.13 -9.35
N SER B 383 8.67 23.93 -9.54
CA SER B 383 10.09 23.76 -9.90
C SER B 383 10.38 24.20 -11.33
N GLU B 384 11.66 24.47 -11.62
CA GLU B 384 12.13 24.74 -12.99
C GLU B 384 11.45 23.80 -13.98
N ASP B 385 11.31 22.53 -13.59
CA ASP B 385 10.66 21.50 -14.42
C ASP B 385 9.14 21.64 -14.61
N GLY B 386 8.53 22.66 -13.98
CA GLY B 386 7.10 22.94 -14.14
C GLY B 386 6.19 22.00 -13.35
N ARG B 387 6.81 21.22 -12.45
CA ARG B 387 6.13 20.30 -11.53
C ARG B 387 6.33 20.74 -10.10
N VAL B 388 5.53 20.16 -9.19
CA VAL B 388 5.63 20.47 -7.76
C VAL B 388 5.90 19.16 -7.00
N HIS B 389 7.12 19.03 -6.48
CA HIS B 389 7.57 17.78 -5.86
C HIS B 389 7.21 17.77 -4.40
N ASP B 390 5.95 17.47 -4.12
CA ASP B 390 5.48 17.39 -2.74
C ASP B 390 5.55 15.96 -2.21
N GLN B 391 6.80 15.53 -1.98
CA GLN B 391 7.06 14.30 -1.27
C GLN B 391 6.51 14.41 0.14
N ASN B 392 6.57 15.62 0.72
CA ASN B 392 6.12 15.82 2.11
C ASN B 392 4.65 15.45 2.29
N ARG B 393 3.83 15.82 1.32
CA ARG B 393 2.40 15.54 1.31
C ARG B 393 2.08 14.07 0.98
N ILE B 394 2.86 13.48 0.07
CA ILE B 394 2.79 12.04 -0.19
C ILE B 394 3.08 11.29 1.11
N ASP B 395 4.20 11.61 1.75
CA ASP B 395 4.54 11.04 3.04
C ASP B 395 3.40 11.15 4.08
N TYR B 396 2.81 12.35 4.19
CA TYR B 396 1.68 12.57 5.10
C TYR B 396 0.51 11.69 4.69
N LEU B 397 0.05 11.85 3.45
CA LEU B 397 -1.12 11.12 3.01
C LEU B 397 -0.91 9.63 3.29
N LYS B 398 0.19 9.08 2.75
CA LYS B 398 0.44 7.63 2.73
C LYS B 398 0.32 6.99 4.11
N ALA B 399 0.93 7.63 5.11
CA ALA B 399 0.93 7.11 6.46
C ALA B 399 -0.48 7.08 7.05
N HIS B 400 -1.31 8.05 6.65
CA HIS B 400 -2.68 8.19 7.18
C HIS B 400 -3.61 7.19 6.52
N ILE B 401 -3.55 7.13 5.18
CA ILE B 401 -4.30 6.17 4.36
C ILE B 401 -4.04 4.70 4.75
N GLY B 402 -2.92 4.45 5.42
CA GLY B 402 -2.55 3.11 5.86
C GLY B 402 -2.89 2.80 7.31
N GLN B 403 -2.83 3.81 8.19
CA GLN B 403 -3.42 3.72 9.53
C GLN B 403 -4.93 3.55 9.42
N ALA B 404 -5.53 4.14 8.40
CA ALA B 404 -6.95 3.97 8.08
C ALA B 404 -7.27 2.59 7.52
N TRP B 405 -6.33 2.04 6.76
CA TRP B 405 -6.39 0.64 6.34
C TRP B 405 -6.39 -0.27 7.57
N LYS B 406 -5.48 0.00 8.50
CA LYS B 406 -5.35 -0.78 9.72
C LYS B 406 -6.65 -0.79 10.52
N ALA B 407 -7.41 0.31 10.45
CA ALA B 407 -8.67 0.44 11.18
C ALA B 407 -9.73 -0.49 10.62
N ILE B 408 -9.89 -0.51 9.30
CA ILE B 408 -10.74 -1.49 8.62
C ILE B 408 -10.38 -2.95 9.05
N GLN B 409 -9.09 -3.26 9.12
CA GLN B 409 -8.66 -4.61 9.52
C GLN B 409 -9.20 -4.97 10.91
N GLU B 410 -9.43 -3.97 11.74
CA GLU B 410 -9.95 -4.24 13.06
C GLU B 410 -11.47 -4.04 13.14
N GLY B 411 -12.12 -4.01 11.97
CA GLY B 411 -13.56 -4.07 11.88
C GLY B 411 -14.35 -2.76 11.81
N VAL B 412 -13.64 -1.62 11.84
CA VAL B 412 -14.27 -0.28 11.67
C VAL B 412 -14.84 -0.20 10.27
N PRO B 413 -16.17 0.10 10.15
CA PRO B 413 -16.82 0.14 8.84
C PRO B 413 -16.53 1.41 8.03
N LEU B 414 -15.24 1.69 7.81
CA LEU B 414 -14.82 2.83 7.00
C LEU B 414 -15.07 2.62 5.52
N LYS B 415 -15.95 3.46 4.94
CA LYS B 415 -16.46 3.31 3.57
C LYS B 415 -15.82 4.26 2.56
N GLY B 416 -14.91 5.13 2.99
CA GLY B 416 -14.40 6.15 2.09
C GLY B 416 -13.34 7.06 2.67
N TYR B 417 -12.65 7.75 1.77
CA TYR B 417 -11.53 8.62 2.13
C TYR B 417 -11.50 9.77 1.15
N PHE B 418 -11.51 10.99 1.67
CA PHE B 418 -11.47 12.20 0.83
C PHE B 418 -10.27 13.00 1.26
N VAL B 419 -9.50 13.46 0.29
CA VAL B 419 -8.30 14.27 0.57
C VAL B 419 -8.73 15.73 0.67
N TRP B 420 -8.24 16.43 1.68
CA TRP B 420 -8.33 17.87 1.69
C TRP B 420 -7.00 18.45 1.26
N SER B 421 -6.94 19.14 0.12
CA SER B 421 -8.07 19.38 -0.78
C SER B 421 -7.66 19.08 -2.25
N LEU B 422 -8.61 19.10 -3.17
CA LEU B 422 -8.29 19.06 -4.58
C LEU B 422 -7.37 20.21 -4.97
N LEU B 423 -7.67 21.42 -4.47
CA LEU B 423 -6.93 22.61 -4.86
C LEU B 423 -6.33 23.32 -3.67
N ASP B 424 -5.27 24.09 -3.92
CA ASP B 424 -4.86 25.16 -2.97
C ASP B 424 -6.03 26.17 -2.95
N ASN B 425 -6.28 26.76 -1.79
CA ASN B 425 -7.46 27.64 -1.69
C ASN B 425 -7.35 28.66 -0.57
N PHE B 426 -8.43 29.39 -0.37
CA PHE B 426 -8.55 30.36 0.73
C PHE B 426 -8.60 29.61 2.06
N GLU B 427 -7.50 29.59 2.80
CA GLU B 427 -7.50 28.85 4.04
C GLU B 427 -8.00 29.71 5.20
N TRP B 428 -9.22 30.22 5.03
CA TRP B 428 -9.95 30.94 6.09
C TRP B 428 -9.11 32.10 6.68
N ALA B 429 -8.91 32.18 7.99
CA ALA B 429 -8.15 33.33 8.54
C ALA B 429 -6.67 33.37 8.12
N GLU B 430 -6.19 32.32 7.45
CA GLU B 430 -4.81 32.26 6.93
C GLU B 430 -4.76 32.80 5.52
N GLY B 431 -5.93 32.96 4.91
CA GLY B 431 -6.02 33.38 3.52
C GLY B 431 -5.37 32.40 2.56
N TYR B 432 -4.70 32.95 1.56
CA TYR B 432 -4.06 32.14 0.51
C TYR B 432 -2.67 31.63 0.86
N SER B 433 -2.25 31.94 2.08
CA SER B 433 -0.90 31.65 2.54
C SER B 433 -0.64 30.19 2.76
N LYS B 434 -1.70 29.36 2.67
CA LYS B 434 -1.60 27.95 3.07
C LYS B 434 -2.17 27.05 1.99
N ARG B 435 -1.33 26.13 1.52
CA ARG B 435 -1.64 25.34 0.33
C ARG B 435 -1.84 23.90 0.76
N PHE B 436 -3.07 23.41 0.59
CA PHE B 436 -3.51 22.10 1.10
C PHE B 436 -3.74 21.14 -0.04
N GLY B 437 -3.80 21.68 -1.26
CA GLY B 437 -4.15 20.92 -2.45
C GLY B 437 -3.19 19.81 -2.89
N ILE B 438 -3.73 18.87 -3.66
CA ILE B 438 -2.96 17.89 -4.45
C ILE B 438 -2.80 18.49 -5.86
N VAL B 439 -3.60 19.53 -6.15
CA VAL B 439 -3.41 20.42 -7.30
C VAL B 439 -2.99 21.84 -6.85
N TYR B 440 -1.83 22.32 -7.36
CA TYR B 440 -1.32 23.66 -7.09
C TYR B 440 -2.09 24.68 -7.91
N VAL B 441 -2.30 25.87 -7.34
CA VAL B 441 -2.98 26.95 -8.03
C VAL B 441 -2.08 28.17 -8.02
N ASP B 442 -1.80 28.67 -9.22
CA ASP B 442 -1.05 29.88 -9.39
C ASP B 442 -2.11 30.96 -9.40
N TYR B 443 -2.13 31.77 -8.33
CA TYR B 443 -3.18 32.78 -8.17
C TYR B 443 -3.12 33.93 -9.15
N SER B 444 -1.89 34.33 -9.54
CA SER B 444 -1.71 35.35 -10.60
C SER B 444 -2.27 34.95 -11.99
N THR B 445 -2.24 33.66 -12.32
CA THR B 445 -2.77 33.20 -13.64
C THR B 445 -4.04 32.35 -13.57
N GLN B 446 -4.33 31.80 -12.38
CA GLN B 446 -5.38 30.77 -12.18
C GLN B 446 -4.99 29.46 -12.85
N LYS B 447 -3.68 29.21 -12.89
CA LYS B 447 -3.14 28.03 -13.55
C LYS B 447 -3.10 26.87 -12.56
N ARG B 448 -3.66 25.75 -13.01
CA ARG B 448 -3.61 24.49 -12.30
C ARG B 448 -2.36 23.70 -12.70
N ILE B 449 -1.56 23.35 -11.69
CA ILE B 449 -0.42 22.46 -11.80
C ILE B 449 -0.59 21.28 -10.83
N VAL B 450 -1.06 20.14 -11.34
CA VAL B 450 -1.13 18.90 -10.54
C VAL B 450 0.19 18.69 -9.78
N LYS B 451 0.10 18.28 -8.52
CA LYS B 451 1.32 17.96 -7.75
C LYS B 451 1.61 16.47 -7.79
N ASP B 452 2.80 16.09 -7.32
CA ASP B 452 3.22 14.68 -7.29
C ASP B 452 2.27 13.84 -6.46
N SER B 453 1.99 14.32 -5.22
CA SER B 453 0.91 13.78 -4.37
C SER B 453 -0.37 13.54 -5.14
N GLY B 454 -0.67 14.42 -6.08
CA GLY B 454 -1.79 14.26 -7.00
C GLY B 454 -1.66 13.08 -7.95
N TYR B 455 -0.43 12.78 -8.40
CA TYR B 455 -0.17 11.58 -9.24
C TYR B 455 -0.11 10.32 -8.36
N TRP B 456 0.48 10.49 -7.18
CA TRP B 456 0.57 9.42 -6.20
C TRP B 456 -0.82 8.96 -5.69
N TYR B 457 -1.72 9.91 -5.51
CA TYR B 457 -3.06 9.59 -5.05
C TYR B 457 -3.87 9.06 -6.22
N SER B 458 -3.63 9.61 -7.41
CA SER B 458 -4.18 9.10 -8.67
C SER B 458 -3.91 7.60 -8.78
N ASN B 459 -2.71 7.20 -8.36
CA ASN B 459 -2.33 5.79 -8.25
C ASN B 459 -3.13 4.96 -7.27
N VAL B 460 -3.19 5.46 -6.03
CA VAL B 460 -3.90 4.82 -4.90
C VAL B 460 -5.32 4.45 -5.30
N VAL B 461 -6.02 5.40 -5.90
CA VAL B 461 -7.39 5.19 -6.40
C VAL B 461 -7.41 4.00 -7.37
N LYS B 462 -6.49 4.03 -8.34
CA LYS B 462 -6.34 2.99 -9.38
C LYS B 462 -6.04 1.61 -8.79
N ASN B 463 -5.16 1.56 -7.79
CA ASN B 463 -4.80 0.30 -7.11
C ASN B 463 -5.79 -0.08 -6.00
N ASN B 464 -6.75 0.81 -5.73
CA ASN B 464 -7.62 0.69 -4.54
C ASN B 464 -6.80 0.47 -3.28
N GLY B 465 -5.66 1.15 -3.19
CA GLY B 465 -4.79 0.98 -2.02
C GLY B 465 -3.36 1.46 -2.17
N LEU B 466 -2.54 1.10 -1.19
CA LEU B 466 -1.12 1.45 -1.16
C LEU B 466 -0.31 0.36 -1.89
N GLU B 467 0.50 0.80 -2.85
CA GLU B 467 1.27 -0.09 -3.79
C GLU B 467 0.41 -1.14 -4.50
C1 GI2 C . 11.90 -16.62 -1.84
C2 GI2 C . 10.44 -16.99 -1.88
C4 GI2 C . 8.51 -17.78 -0.77
C1B GI2 C . 12.79 -16.04 -5.34
C2B GI2 C . 12.95 -16.41 -6.83
C3B GI2 C . 13.47 -15.22 -7.65
C4B GI2 C . 12.97 -13.88 -7.07
C5B GI2 C . 13.55 -13.69 -5.66
C6B GI2 C . 13.19 -12.36 -5.04
O2B GI2 C . 13.85 -17.51 -6.98
O3B GI2 C . 13.08 -15.46 -9.00
O4B GI2 C . 13.31 -12.77 -7.90
N1B GI2 C . 13.05 -14.78 -4.80
O6B GI2 C . 11.80 -12.25 -4.76
N2B GI2 C . 12.35 -16.78 -4.32
C7B GI2 C . 12.33 -16.07 -3.21
C8B GI2 C . 12.75 -14.84 -3.49
O1 GI2 C . 9.96 -17.79 -0.88
O5 GI2 C . 9.69 -16.58 -2.76
C ACT D . 12.04 -2.47 -19.37
O ACT D . 12.64 -3.50 -19.04
OXT ACT D . 12.50 -2.01 -20.43
CH3 ACT D . 10.93 -1.84 -18.61
C1 GI2 E . -9.86 20.48 11.11
C2 GI2 E . -10.17 21.46 12.25
C4 GI2 E . -10.21 22.13 14.46
C1B GI2 E . -11.18 22.05 8.10
C2B GI2 E . -12.23 22.69 7.16
C3B GI2 E . -11.58 23.12 5.82
C4B GI2 E . -10.18 23.67 6.04
C5B GI2 E . -9.29 22.48 6.48
C6B GI2 E . -7.85 22.88 6.65
O2B GI2 E . -13.34 21.79 6.95
O3B GI2 E . -12.36 24.03 5.05
O4B GI2 E . -9.67 24.40 4.88
N1B GI2 E . -9.79 21.97 7.77
O6B GI2 E . -7.72 23.76 7.77
N2B GI2 E . -11.31 21.54 9.33
C7B GI2 E . -10.12 21.13 9.76
C8B GI2 E . -9.20 21.41 8.83
O1 GI2 E . -10.22 21.03 13.54
O5 GI2 E . -10.39 22.65 12.00
CA CA F . -39.01 17.49 22.63
#